data_7VNT
#
_entry.id   7VNT
#
_cell.length_a   113.747
_cell.length_b   113.747
_cell.length_c   289.562
_cell.angle_alpha   90.000
_cell.angle_beta   90.000
_cell.angle_gamma   120.000
#
_symmetry.space_group_name_H-M   'P 65 2 2'
#
loop_
_entity.id
_entity.type
_entity.pdbx_description
1 polymer '454aa long hypothetical 4-aminobutyrate aminotransferase'
2 non-polymer "PYRIDOXAL-5'-PHOSPHATE"
3 non-polymer L-ornithine
4 non-polymer GLYCEROL
5 non-polymer 1,2-ETHANEDIOL
6 water water
#
_entity_poly.entity_id   1
_entity_poly.type   'polypeptide(L)'
_entity_poly.pdbx_seq_one_letter_code
;MELKPNVKEIPGPKARKVIEEHHKYMATTTNDPNEYFLVIERAEGVYWIDVDGNVLLDFSSGIGVMNVGLRNPKVIEAIK
KQLDLVLHAAGTDYYNPYQVELAKKLVEIAPGDIERKVFLSNSGTEANEAALKIAKWSTNRKMFIAFIGAFHGRTHGTMS
LTASKPVQRSRMFPTMPGVVHVPYPNPYRNPWGIDGYENPDELINRVIDYIEEYLFEHYVPAEEVAGIFFEPIQGEGGYV
VPPKNFFKELKKLADKHGILLIDDEVQMGMGRTGRMWAIEHFDIVPDIVTVAKALGGGIPIGATIFRADLDFGVSGVHSN
TFGGNTVAAAAALAVIEELQNGLIENAQKLEPLFRERLEEMKEKYEIIGDVRGLGLAWGVEFVKDRKTKEYATKERGEIV
VEALKRGLALLGCGKSAIRLIPPLIISEEEAKMGLDIFEEAIKVVSERHGYKIH
;
_entity_poly.pdbx_strand_id   A,B
#
# COMPACT_ATOMS: atom_id res chain seq x y z
N LEU A 3 33.21 -9.90 7.25
CA LEU A 3 31.99 -10.69 7.52
C LEU A 3 32.03 -11.99 6.71
N LYS A 4 31.69 -13.08 7.36
CA LYS A 4 31.52 -14.42 6.74
C LYS A 4 30.41 -15.11 7.51
N PRO A 5 29.83 -16.20 6.97
CA PRO A 5 28.76 -16.89 7.69
C PRO A 5 29.38 -17.39 9.00
N ASN A 6 28.73 -17.06 10.13
CA ASN A 6 29.18 -17.49 11.48
C ASN A 6 27.94 -17.63 12.34
N VAL A 7 27.51 -18.87 12.61
CA VAL A 7 26.29 -19.05 13.44
C VAL A 7 26.55 -20.03 14.59
N LYS A 8 26.27 -19.60 15.83
CA LYS A 8 26.34 -20.48 17.01
C LYS A 8 24.89 -20.92 17.28
N GLU A 9 24.34 -20.68 18.46
CA GLU A 9 22.92 -21.01 18.78
C GLU A 9 22.02 -20.08 17.96
N ILE A 10 21.03 -20.65 17.28
CA ILE A 10 19.95 -19.85 16.60
C ILE A 10 18.69 -20.69 16.62
N PRO A 11 17.54 -20.17 17.12
CA PRO A 11 17.46 -18.81 17.65
C PRO A 11 18.11 -18.66 19.04
N GLY A 12 18.90 -17.60 19.21
CA GLY A 12 19.53 -17.26 20.50
C GLY A 12 18.53 -16.67 21.48
N PRO A 13 18.98 -16.25 22.68
CA PRO A 13 18.06 -15.78 23.72
C PRO A 13 17.34 -14.49 23.30
N LYS A 14 18.03 -13.59 22.60
CA LYS A 14 17.47 -12.28 22.21
C LYS A 14 16.47 -12.50 21.06
N ALA A 15 16.80 -13.41 20.15
CA ALA A 15 15.90 -13.84 19.05
C ALA A 15 14.62 -14.44 19.66
N ARG A 16 14.73 -15.36 20.62
CA ARG A 16 13.56 -16.05 21.25
C ARG A 16 12.65 -15.02 21.93
N LYS A 17 13.24 -13.98 22.52
CA LYS A 17 12.46 -12.94 23.25
C LYS A 17 11.62 -12.13 22.25
N VAL A 18 12.22 -11.70 21.14
CA VAL A 18 11.51 -10.94 20.07
C VAL A 18 10.40 -11.83 19.48
N ILE A 19 10.71 -13.09 19.16
CA ILE A 19 9.71 -14.04 18.59
C ILE A 19 8.51 -14.11 19.54
N GLU A 20 8.74 -14.23 20.84
CA GLU A 20 7.66 -14.30 21.87
C GLU A 20 6.82 -13.01 21.83
N GLU A 21 7.48 -11.86 21.80
CA GLU A 21 6.85 -10.51 21.76
C GLU A 21 6.07 -10.35 20.45
N HIS A 22 6.65 -10.72 19.33
CA HIS A 22 5.96 -10.75 18.01
C HIS A 22 4.62 -11.46 18.14
N HIS A 23 4.63 -12.64 18.77
CA HIS A 23 3.45 -13.54 18.92
C HIS A 23 2.43 -12.83 19.79
N LYS A 24 2.85 -12.01 20.74
CA LYS A 24 1.92 -11.32 21.67
C LYS A 24 1.19 -10.15 20.99
N TYR A 25 1.95 -9.27 20.31
CA TYR A 25 1.35 -8.01 19.78
C TYR A 25 1.07 -8.01 18.29
N MET A 26 1.45 -9.06 17.54
CA MET A 26 1.23 -8.93 16.08
C MET A 26 0.32 -10.03 15.53
N ALA A 27 -0.46 -9.66 14.51
CA ALA A 27 -1.43 -10.58 13.88
C ALA A 27 -0.70 -11.75 13.21
N THR A 28 -1.32 -12.93 13.30
CA THR A 28 -0.86 -14.18 12.64
C THR A 28 -0.92 -13.98 11.11
N THR A 29 0.24 -14.03 10.45
CA THR A 29 0.42 -13.77 9.00
C THR A 29 1.10 -15.02 8.40
N THR A 30 2.32 -14.88 7.85
CA THR A 30 3.13 -15.98 7.26
C THR A 30 4.44 -16.18 8.05
N ASN A 31 4.55 -15.61 9.26
CA ASN A 31 5.71 -15.84 10.17
C ASN A 31 5.66 -17.31 10.62
N ASP A 32 6.82 -17.95 10.69
CA ASP A 32 6.96 -19.36 11.16
C ASP A 32 8.02 -19.38 12.26
N PRO A 33 7.64 -19.54 13.55
CA PRO A 33 8.63 -19.62 14.63
C PRO A 33 9.56 -20.84 14.50
N ASN A 34 9.13 -21.92 13.83
CA ASN A 34 9.87 -23.23 13.78
C ASN A 34 10.77 -23.29 12.52
N GLU A 35 10.36 -22.70 11.40
CA GLU A 35 11.11 -22.75 10.10
C GLU A 35 11.84 -21.42 9.82
N TYR A 36 11.31 -20.29 10.29
CA TYR A 36 11.91 -18.96 10.03
C TYR A 36 12.15 -18.26 11.36
N PHE A 37 13.18 -18.69 12.08
CA PHE A 37 13.54 -18.13 13.42
C PHE A 37 14.60 -17.04 13.27
N LEU A 38 14.83 -16.56 12.05
CA LEU A 38 15.80 -15.45 11.83
C LEU A 38 15.18 -14.16 12.34
N VAL A 39 15.93 -13.44 13.20
CA VAL A 39 15.51 -12.17 13.85
C VAL A 39 16.58 -11.10 13.59
N ILE A 40 16.33 -10.32 12.54
CA ILE A 40 17.37 -9.47 11.88
C ILE A 40 17.52 -8.20 12.72
N GLU A 41 18.78 -7.79 12.98
CA GLU A 41 19.10 -6.56 13.74
C GLU A 41 19.70 -5.55 12.80
N ARG A 42 20.60 -5.98 11.93
CA ARG A 42 21.19 -5.08 10.92
C ARG A 42 21.69 -5.92 9.76
N ALA A 43 22.34 -5.28 8.79
CA ALA A 43 22.68 -5.85 7.48
C ALA A 43 23.90 -5.14 6.95
N GLU A 44 24.74 -5.86 6.20
CA GLU A 44 25.98 -5.32 5.60
C GLU A 44 26.34 -6.14 4.35
N GLY A 45 26.51 -5.45 3.21
CA GLY A 45 26.79 -6.10 1.91
C GLY A 45 25.71 -7.14 1.62
N VAL A 46 26.07 -8.43 1.59
CA VAL A 46 25.12 -9.54 1.35
C VAL A 46 24.86 -10.31 2.64
N TYR A 47 25.12 -9.74 3.82
CA TYR A 47 24.99 -10.45 5.12
C TYR A 47 23.91 -9.85 6.02
N TRP A 48 23.13 -10.71 6.67
CA TRP A 48 22.32 -10.35 7.87
C TRP A 48 23.18 -10.56 9.11
N ILE A 49 23.03 -9.68 10.09
CA ILE A 49 23.48 -9.91 11.49
C ILE A 49 22.21 -9.93 12.34
N ASP A 50 21.95 -11.05 12.99
CA ASP A 50 20.77 -11.23 13.85
C ASP A 50 21.07 -10.64 15.23
N VAL A 51 20.05 -10.59 16.08
CA VAL A 51 20.05 -9.82 17.36
C VAL A 51 20.99 -10.51 18.37
N ASP A 52 21.54 -11.68 18.03
CA ASP A 52 22.45 -12.44 18.92
C ASP A 52 23.86 -12.45 18.32
N GLY A 53 24.09 -11.72 17.22
CA GLY A 53 25.42 -11.57 16.60
C GLY A 53 25.73 -12.60 15.52
N ASN A 54 24.84 -13.58 15.30
CA ASN A 54 24.92 -14.54 14.15
C ASN A 54 24.98 -13.79 12.81
N VAL A 55 25.91 -14.19 11.93
CA VAL A 55 26.12 -13.60 10.58
C VAL A 55 25.67 -14.62 9.52
N LEU A 56 24.73 -14.24 8.64
CA LEU A 56 24.15 -15.16 7.64
C LEU A 56 24.29 -14.54 6.25
N LEU A 57 24.75 -15.33 5.29
CA LEU A 57 24.80 -14.99 3.85
C LEU A 57 23.35 -14.93 3.38
N ASP A 58 23.01 -13.89 2.64
CA ASP A 58 21.62 -13.67 2.20
C ASP A 58 21.43 -14.24 0.80
N PHE A 59 20.57 -15.24 0.69
CA PHE A 59 20.04 -15.78 -0.60
C PHE A 59 18.54 -15.47 -0.69
N SER A 60 17.96 -14.67 0.21
CA SER A 60 16.50 -14.33 0.30
C SER A 60 16.17 -12.99 -0.38
N SER A 61 17.09 -12.01 -0.32
CA SER A 61 16.87 -10.59 -0.74
C SER A 61 15.64 -10.03 -0.03
N GLY A 62 15.26 -10.57 1.14
CA GLY A 62 14.05 -10.19 1.89
C GLY A 62 12.80 -10.33 1.04
N ILE A 63 12.69 -11.44 0.30
CA ILE A 63 11.61 -11.80 -0.68
C ILE A 63 11.73 -10.89 -1.91
N GLY A 64 12.94 -10.78 -2.48
CA GLY A 64 13.19 -10.13 -3.77
C GLY A 64 13.05 -8.60 -3.70
N VAL A 65 13.30 -8.02 -2.53
CA VAL A 65 13.22 -6.53 -2.36
C VAL A 65 14.62 -5.91 -2.44
N MET A 66 15.60 -6.52 -1.77
CA MET A 66 16.98 -5.96 -1.71
C MET A 66 17.85 -6.45 -2.88
N ASN A 67 17.43 -6.16 -4.12
CA ASN A 67 18.19 -6.56 -5.33
C ASN A 67 19.54 -5.83 -5.40
N VAL A 68 19.58 -4.57 -4.97
CA VAL A 68 20.80 -3.70 -5.06
C VAL A 68 21.68 -3.83 -3.81
N GLY A 69 21.30 -4.71 -2.88
CA GLY A 69 22.08 -4.98 -1.66
C GLY A 69 21.23 -4.74 -0.45
N LEU A 70 21.60 -5.35 0.68
CA LEU A 70 20.84 -5.25 1.96
C LEU A 70 20.84 -3.80 2.47
N ARG A 71 21.99 -3.13 2.34
CA ARG A 71 22.10 -1.70 2.75
C ARG A 71 22.93 -0.95 1.70
N ASN A 72 22.34 -0.67 0.53
CA ASN A 72 23.12 0.00 -0.55
C ASN A 72 23.49 1.42 -0.11
N PRO A 73 24.79 1.80 -0.16
CA PRO A 73 25.23 3.14 0.26
C PRO A 73 24.75 4.28 -0.66
N LYS A 74 24.69 4.01 -1.97
CA LYS A 74 24.17 4.95 -3.01
C LYS A 74 22.68 5.23 -2.77
N VAL A 75 21.90 4.20 -2.38
CA VAL A 75 20.44 4.31 -2.06
C VAL A 75 20.28 5.13 -0.77
N ILE A 76 21.13 4.88 0.22
CA ILE A 76 21.05 5.52 1.58
C ILE A 76 21.43 7.01 1.44
N GLU A 77 22.45 7.33 0.64
CA GLU A 77 22.86 8.73 0.36
C GLU A 77 21.67 9.47 -0.25
N ALA A 78 21.06 8.92 -1.31
CA ALA A 78 19.89 9.50 -1.99
C ALA A 78 18.79 9.77 -0.96
N ILE A 79 18.53 8.81 -0.09
CA ILE A 79 17.47 8.94 0.96
C ILE A 79 17.82 10.11 1.90
N LYS A 80 19.03 10.12 2.47
CA LYS A 80 19.49 11.15 3.46
C LYS A 80 19.42 12.56 2.83
N LYS A 81 19.84 12.69 1.56
CA LYS A 81 19.77 13.90 0.71
C LYS A 81 18.31 14.37 0.55
N GLN A 82 17.40 13.43 0.27
CA GLN A 82 15.96 13.75 0.10
C GLN A 82 15.40 14.14 1.46
N LEU A 83 15.86 13.53 2.55
CA LEU A 83 15.36 13.89 3.91
C LEU A 83 15.67 15.36 4.25
N ASP A 84 16.74 15.94 3.68
CA ASP A 84 17.11 17.35 3.98
C ASP A 84 16.18 18.29 3.22
N LEU A 85 15.42 17.77 2.24
CA LEU A 85 14.53 18.60 1.35
C LEU A 85 13.08 18.51 1.82
N VAL A 86 12.43 17.38 1.53
CA VAL A 86 11.00 17.11 1.89
C VAL A 86 10.79 15.59 1.90
N LEU A 87 9.87 15.08 2.73
CA LEU A 87 9.60 13.62 2.77
C LEU A 87 8.31 13.30 2.02
N HIS A 88 7.23 14.01 2.36
CA HIS A 88 5.90 13.82 1.71
C HIS A 88 5.42 15.16 1.18
N ALA A 89 4.97 15.20 -0.08
CA ALA A 89 4.50 16.46 -0.71
C ALA A 89 3.02 16.35 -1.13
N ALA A 90 2.28 15.31 -0.69
CA ALA A 90 0.91 15.01 -1.17
C ALA A 90 0.95 14.94 -2.70
N GLY A 91 1.66 13.92 -3.23
CA GLY A 91 1.94 13.70 -4.67
C GLY A 91 0.72 13.82 -5.59
N THR A 92 -0.50 13.52 -5.10
CA THR A 92 -1.76 13.47 -5.91
C THR A 92 -2.66 14.73 -5.76
N ASP A 93 -2.38 15.65 -4.81
CA ASP A 93 -3.14 16.94 -4.70
C ASP A 93 -2.24 18.08 -5.18
N TYR A 94 -1.01 18.13 -4.65
CA TYR A 94 0.10 19.00 -5.12
C TYR A 94 1.02 18.22 -6.07
N TYR A 95 1.92 18.94 -6.74
CA TYR A 95 2.93 18.37 -7.66
C TYR A 95 4.30 18.39 -6.94
N ASN A 96 5.24 17.54 -7.35
CA ASN A 96 6.67 17.63 -6.93
C ASN A 96 7.58 17.01 -7.98
N PRO A 97 8.80 17.54 -8.18
CA PRO A 97 9.66 17.11 -9.28
C PRO A 97 10.27 15.70 -9.13
N TYR A 98 10.35 15.19 -7.91
CA TYR A 98 11.01 13.90 -7.57
C TYR A 98 10.20 12.73 -8.16
N GLN A 99 8.88 12.72 -7.91
CA GLN A 99 7.90 11.72 -8.45
C GLN A 99 7.90 11.83 -9.97
N VAL A 100 7.95 13.03 -10.54
CA VAL A 100 7.92 13.20 -12.01
C VAL A 100 9.22 12.66 -12.61
N GLU A 101 10.36 12.92 -11.98
CA GLU A 101 11.67 12.40 -12.47
C GLU A 101 11.64 10.84 -12.48
N LEU A 102 11.11 10.21 -11.44
CA LEU A 102 10.92 8.73 -11.39
C LEU A 102 9.98 8.28 -12.52
N ALA A 103 8.83 8.92 -12.70
CA ALA A 103 7.86 8.53 -13.75
C ALA A 103 8.57 8.59 -15.09
N LYS A 104 9.36 9.62 -15.34
CA LYS A 104 10.01 9.80 -16.65
C LYS A 104 10.99 8.64 -16.87
N LYS A 105 11.70 8.22 -15.82
CA LYS A 105 12.70 7.12 -15.90
C LYS A 105 11.96 5.77 -16.14
N LEU A 106 10.87 5.53 -15.42
CA LEU A 106 10.08 4.27 -15.56
C LEU A 106 9.49 4.20 -16.95
N VAL A 107 9.04 5.33 -17.51
CA VAL A 107 8.51 5.34 -18.89
C VAL A 107 9.59 4.86 -19.86
N GLU A 108 10.81 5.37 -19.66
CA GLU A 108 11.99 5.11 -20.53
C GLU A 108 12.38 3.63 -20.43
N ILE A 109 12.43 3.07 -19.22
CA ILE A 109 13.00 1.70 -19.01
C ILE A 109 11.91 0.62 -19.21
N ALA A 110 10.67 1.03 -19.43
CA ALA A 110 9.52 0.12 -19.68
C ALA A 110 9.92 -0.81 -20.81
N PRO A 111 9.44 -2.07 -20.82
CA PRO A 111 9.70 -2.97 -21.93
C PRO A 111 9.19 -2.39 -23.22
N GLY A 112 9.98 -2.62 -24.28
CA GLY A 112 9.63 -2.16 -25.64
C GLY A 112 9.82 -0.67 -25.80
N ASP A 113 9.33 -0.13 -26.92
CA ASP A 113 9.42 1.32 -27.19
C ASP A 113 8.05 1.81 -27.65
N ILE A 114 7.11 1.89 -26.70
CA ILE A 114 5.71 2.33 -26.98
C ILE A 114 5.36 3.48 -26.03
N GLU A 115 4.25 4.17 -26.31
CA GLU A 115 3.83 5.32 -25.48
C GLU A 115 3.49 4.79 -24.09
N ARG A 116 4.05 5.37 -23.03
CA ARG A 116 3.79 4.91 -21.65
C ARG A 116 3.41 6.10 -20.77
N LYS A 117 2.59 5.85 -19.76
CA LYS A 117 2.47 6.68 -18.54
C LYS A 117 2.60 5.78 -17.33
N VAL A 118 2.76 6.39 -16.17
CA VAL A 118 2.98 5.68 -14.88
C VAL A 118 2.00 6.19 -13.83
N PHE A 119 1.44 5.26 -13.06
CA PHE A 119 0.75 5.55 -11.79
C PHE A 119 1.61 5.01 -10.64
N LEU A 120 1.95 5.88 -9.70
CA LEU A 120 2.73 5.49 -8.51
C LEU A 120 1.83 5.14 -7.32
N SER A 121 2.22 4.11 -6.57
CA SER A 121 1.52 3.64 -5.35
C SER A 121 2.55 3.21 -4.30
N ASN A 122 2.15 2.43 -3.28
CA ASN A 122 3.03 2.11 -2.14
C ASN A 122 3.39 0.63 -2.06
N SER A 123 2.84 -0.21 -2.94
CA SER A 123 3.14 -1.67 -2.83
C SER A 123 2.76 -2.43 -4.10
N GLY A 124 3.22 -3.68 -4.21
CA GLY A 124 2.84 -4.57 -5.30
C GLY A 124 1.33 -4.72 -5.41
N THR A 125 0.63 -4.95 -4.30
CA THR A 125 -0.82 -5.23 -4.35
C THR A 125 -1.52 -3.94 -4.82
N GLU A 126 -1.08 -2.76 -4.37
CA GLU A 126 -1.65 -1.48 -4.88
C GLU A 126 -1.41 -1.33 -6.37
N ALA A 127 -0.21 -1.65 -6.84
CA ALA A 127 0.16 -1.53 -8.26
C ALA A 127 -0.74 -2.46 -9.11
N ASN A 128 -1.04 -3.66 -8.63
CA ASN A 128 -1.93 -4.64 -9.32
C ASN A 128 -3.39 -4.16 -9.24
N GLU A 129 -3.80 -3.60 -8.12
CA GLU A 129 -5.16 -3.04 -8.02
C GLU A 129 -5.31 -1.91 -9.03
N ALA A 130 -4.30 -1.05 -9.13
CA ALA A 130 -4.31 0.05 -10.12
C ALA A 130 -4.35 -0.54 -11.52
N ALA A 131 -3.60 -1.60 -11.79
CA ALA A 131 -3.69 -2.29 -13.10
C ALA A 131 -5.14 -2.72 -13.37
N LEU A 132 -5.80 -3.34 -12.40
CA LEU A 132 -7.18 -3.81 -12.61
C LEU A 132 -8.05 -2.59 -13.00
N LYS A 133 -7.88 -1.46 -12.32
CA LYS A 133 -8.75 -0.26 -12.55
C LYS A 133 -8.45 0.35 -13.92
N ILE A 134 -7.17 0.47 -14.26
CA ILE A 134 -6.79 1.00 -15.60
C ILE A 134 -7.41 0.12 -16.68
N ALA A 135 -7.31 -1.20 -16.51
CA ALA A 135 -7.79 -2.11 -17.56
C ALA A 135 -9.31 -1.99 -17.67
N LYS A 136 -10.01 -1.98 -16.52
CA LYS A 136 -11.50 -1.88 -16.52
C LYS A 136 -11.91 -0.57 -17.19
N TRP A 137 -11.28 0.52 -16.80
CA TRP A 137 -11.70 1.86 -17.28
C TRP A 137 -11.44 1.93 -18.78
N SER A 138 -10.24 1.55 -19.22
CA SER A 138 -9.82 1.75 -20.64
C SER A 138 -10.57 0.84 -21.60
N THR A 139 -10.85 -0.42 -21.24
CA THR A 139 -11.56 -1.36 -22.13
C THR A 139 -13.09 -1.28 -21.94
N ASN A 140 -13.57 -0.72 -20.82
CA ASN A 140 -14.97 -0.90 -20.36
C ASN A 140 -15.35 -2.38 -20.33
N ARG A 141 -14.40 -3.24 -19.93
CA ARG A 141 -14.62 -4.70 -19.77
C ARG A 141 -14.37 -5.03 -18.28
N LYS A 142 -15.05 -6.02 -17.72
CA LYS A 142 -14.91 -6.30 -16.26
C LYS A 142 -14.29 -7.67 -15.94
N MET A 143 -14.09 -8.55 -16.92
CA MET A 143 -13.56 -9.88 -16.56
C MET A 143 -12.04 -9.95 -16.77
N PHE A 144 -11.40 -10.87 -16.05
CA PHE A 144 -9.94 -11.08 -16.15
C PHE A 144 -9.66 -12.59 -16.20
N ILE A 145 -8.57 -12.94 -16.87
CA ILE A 145 -8.01 -14.31 -16.84
C ILE A 145 -6.71 -14.22 -16.05
N ALA A 146 -6.51 -15.13 -15.10
CA ALA A 146 -5.25 -15.27 -14.37
C ALA A 146 -4.89 -16.77 -14.35
N PHE A 147 -3.69 -17.09 -13.87
CA PHE A 147 -3.13 -18.46 -13.94
C PHE A 147 -3.16 -19.13 -12.56
N ILE A 148 -3.49 -20.41 -12.56
CA ILE A 148 -3.35 -21.23 -11.34
C ILE A 148 -1.87 -21.17 -10.90
N GLY A 149 -1.65 -20.99 -9.59
CA GLY A 149 -0.32 -20.83 -9.03
C GLY A 149 0.10 -19.37 -8.90
N ALA A 150 -0.70 -18.44 -9.43
CA ALA A 150 -0.37 -17.00 -9.54
C ALA A 150 -0.30 -16.39 -8.14
N PHE A 151 0.55 -15.38 -7.98
CA PHE A 151 0.45 -14.55 -6.77
C PHE A 151 0.57 -13.07 -7.18
N HIS A 152 -0.46 -12.31 -6.83
CA HIS A 152 -0.62 -10.90 -7.27
C HIS A 152 -0.98 -9.98 -6.10
N GLY A 153 -1.13 -10.51 -4.88
CA GLY A 153 -1.42 -9.72 -3.68
C GLY A 153 -2.62 -10.21 -2.95
N ARG A 154 -2.84 -9.63 -1.76
CA ARG A 154 -3.88 -10.10 -0.80
C ARG A 154 -5.01 -9.09 -0.58
N THR A 155 -5.12 -8.07 -1.44
CA THR A 155 -6.26 -7.11 -1.34
C THR A 155 -7.49 -7.72 -2.03
N HIS A 156 -8.66 -7.11 -1.88
CA HIS A 156 -9.91 -7.69 -2.44
C HIS A 156 -9.85 -7.87 -3.96
N GLY A 157 -9.18 -6.97 -4.68
CA GLY A 157 -9.06 -7.15 -6.14
C GLY A 157 -8.06 -8.26 -6.42
N THR A 158 -6.89 -8.17 -5.80
CA THR A 158 -5.76 -9.04 -6.15
C THR A 158 -5.95 -10.45 -5.57
N MET A 159 -6.74 -10.62 -4.49
CA MET A 159 -7.07 -11.96 -3.94
C MET A 159 -7.80 -12.76 -5.01
N SER A 160 -8.70 -12.15 -5.84
CA SER A 160 -9.35 -12.83 -6.98
C SER A 160 -8.34 -13.28 -8.04
N LEU A 161 -7.32 -12.49 -8.30
CA LEU A 161 -6.27 -12.89 -9.29
C LEU A 161 -5.38 -13.98 -8.70
N THR A 162 -5.05 -13.90 -7.42
CA THR A 162 -4.11 -14.85 -6.74
C THR A 162 -4.72 -16.25 -6.70
N ALA A 163 -3.95 -17.29 -6.99
CA ALA A 163 -4.41 -18.71 -7.00
C ALA A 163 -3.26 -19.61 -6.54
N SER A 164 -2.60 -19.24 -5.45
CA SER A 164 -1.40 -19.95 -4.99
C SER A 164 -1.78 -20.99 -3.94
N LYS A 165 -2.26 -20.55 -2.76
CA LYS A 165 -2.72 -21.44 -1.65
C LYS A 165 -4.15 -21.09 -1.29
N PRO A 166 -5.04 -22.07 -1.08
CA PRO A 166 -6.42 -21.71 -0.80
C PRO A 166 -6.51 -20.98 0.55
N VAL A 167 -5.56 -21.20 1.45
CA VAL A 167 -5.63 -20.52 2.78
C VAL A 167 -5.65 -18.98 2.57
N GLN A 168 -5.08 -18.46 1.48
CA GLN A 168 -5.02 -17.01 1.09
C GLN A 168 -6.44 -16.41 0.95
N ARG A 169 -7.44 -17.26 0.71
CA ARG A 169 -8.84 -16.85 0.42
C ARG A 169 -9.78 -17.32 1.52
N SER A 170 -9.26 -17.96 2.57
CA SER A 170 -10.11 -18.60 3.61
C SER A 170 -11.09 -17.56 4.17
N ARG A 171 -12.41 -17.82 4.01
CA ARG A 171 -13.53 -16.98 4.51
C ARG A 171 -13.58 -15.60 3.82
N MET A 172 -12.86 -15.39 2.72
CA MET A 172 -12.78 -14.05 2.08
C MET A 172 -13.87 -13.88 1.01
N PHE A 173 -14.40 -14.96 0.47
CA PHE A 173 -15.42 -14.94 -0.59
C PHE A 173 -16.62 -14.16 -0.08
N PRO A 174 -17.18 -13.21 -0.84
CA PRO A 174 -16.80 -12.98 -2.21
C PRO A 174 -15.77 -11.85 -2.31
N THR A 175 -14.78 -12.05 -3.19
CA THR A 175 -13.78 -11.01 -3.52
C THR A 175 -14.24 -10.31 -4.80
N MET A 176 -13.36 -9.62 -5.52
CA MET A 176 -13.87 -8.96 -6.74
C MET A 176 -14.31 -10.05 -7.74
N PRO A 177 -15.58 -10.05 -8.21
CA PRO A 177 -16.03 -11.01 -9.20
C PRO A 177 -15.38 -10.78 -10.58
N GLY A 178 -15.42 -11.82 -11.39
CA GLY A 178 -15.06 -11.75 -12.82
C GLY A 178 -13.69 -12.34 -13.16
N VAL A 179 -13.02 -13.01 -12.23
CA VAL A 179 -11.70 -13.64 -12.57
C VAL A 179 -11.90 -15.12 -12.83
N VAL A 180 -11.40 -15.58 -13.97
CA VAL A 180 -11.37 -17.03 -14.30
C VAL A 180 -9.92 -17.46 -14.34
N HIS A 181 -9.62 -18.67 -13.87
CA HIS A 181 -8.25 -19.18 -13.76
C HIS A 181 -8.04 -20.33 -14.74
N VAL A 182 -6.85 -20.40 -15.33
CA VAL A 182 -6.48 -21.54 -16.20
C VAL A 182 -5.10 -21.99 -15.79
N PRO A 183 -4.72 -23.24 -16.14
CA PRO A 183 -3.40 -23.76 -15.76
C PRO A 183 -2.28 -22.89 -16.32
N TYR A 184 -1.28 -22.61 -15.48
CA TYR A 184 0.00 -22.03 -16.00
C TYR A 184 0.71 -23.09 -16.83
N PRO A 185 1.54 -22.71 -17.82
CA PRO A 185 2.45 -23.63 -18.49
C PRO A 185 3.70 -23.96 -17.67
N ASN A 186 3.46 -24.63 -16.56
CA ASN A 186 4.46 -25.15 -15.60
C ASN A 186 5.05 -26.41 -16.24
N PRO A 187 6.32 -26.38 -16.67
CA PRO A 187 6.90 -27.48 -17.45
C PRO A 187 7.14 -28.74 -16.60
N TYR A 188 7.08 -28.60 -15.28
CA TYR A 188 7.32 -29.71 -14.33
C TYR A 188 6.01 -30.31 -13.81
N ARG A 189 4.94 -29.52 -13.73
CA ARG A 189 3.65 -29.95 -13.15
C ARG A 189 2.50 -29.26 -13.88
N ASN A 190 1.75 -30.00 -14.64
CA ASN A 190 0.62 -29.45 -15.41
C ASN A 190 -0.37 -30.58 -15.62
N PRO A 191 -1.65 -30.25 -15.90
CA PRO A 191 -2.71 -31.25 -15.90
C PRO A 191 -2.58 -32.26 -17.04
N TRP A 192 -1.73 -31.98 -18.03
CA TRP A 192 -1.55 -32.85 -19.20
C TRP A 192 -0.38 -33.82 -18.96
N GLY A 193 0.37 -33.67 -17.86
CA GLY A 193 1.57 -34.49 -17.57
C GLY A 193 2.63 -34.25 -18.63
N ILE A 194 2.69 -33.06 -19.23
CA ILE A 194 3.64 -32.77 -20.33
C ILE A 194 4.97 -32.34 -19.73
N ASP A 195 6.08 -32.94 -20.17
CA ASP A 195 7.43 -32.41 -19.89
C ASP A 195 7.61 -31.15 -20.76
N GLY A 196 7.45 -29.98 -20.15
CA GLY A 196 7.48 -28.71 -20.89
C GLY A 196 8.89 -28.23 -21.17
N TYR A 197 9.91 -28.88 -20.60
CA TYR A 197 11.32 -28.65 -20.99
C TYR A 197 11.61 -29.37 -22.30
N GLU A 198 11.29 -30.66 -22.37
CA GLU A 198 11.45 -31.48 -23.61
C GLU A 198 10.44 -31.06 -24.68
N ASN A 199 9.20 -30.75 -24.30
CA ASN A 199 8.15 -30.42 -25.30
C ASN A 199 7.45 -29.10 -24.92
N PRO A 200 8.12 -27.94 -25.05
CA PRO A 200 7.51 -26.66 -24.72
C PRO A 200 6.30 -26.32 -25.60
N ASP A 201 6.35 -26.66 -26.89
CA ASP A 201 5.28 -26.27 -27.83
C ASP A 201 3.99 -27.01 -27.50
N GLU A 202 4.09 -28.29 -27.18
CA GLU A 202 2.92 -29.10 -26.76
C GLU A 202 2.26 -28.43 -25.53
N LEU A 203 3.03 -28.01 -24.53
CA LEU A 203 2.46 -27.41 -23.28
C LEU A 203 1.86 -26.03 -23.57
N ILE A 204 2.55 -25.22 -24.33
CA ILE A 204 2.03 -23.92 -24.78
C ILE A 204 0.65 -24.14 -25.43
N ASN A 205 0.56 -25.06 -26.38
CA ASN A 205 -0.67 -25.24 -27.20
C ASN A 205 -1.81 -25.74 -26.29
N ARG A 206 -1.56 -26.59 -25.31
CA ARG A 206 -2.58 -27.08 -24.36
C ARG A 206 -3.13 -25.91 -23.53
N VAL A 207 -2.30 -24.98 -23.08
CA VAL A 207 -2.74 -23.81 -22.24
C VAL A 207 -3.55 -22.83 -23.10
N ILE A 208 -3.06 -22.51 -24.30
CA ILE A 208 -3.78 -21.64 -25.26
C ILE A 208 -5.11 -22.29 -25.66
N ASP A 209 -5.07 -23.58 -26.00
CA ASP A 209 -6.29 -24.32 -26.42
C ASP A 209 -7.29 -24.32 -25.25
N TYR A 210 -6.81 -24.43 -24.01
CA TYR A 210 -7.74 -24.44 -22.85
C TYR A 210 -8.49 -23.11 -22.79
N ILE A 211 -7.79 -21.99 -22.96
CA ILE A 211 -8.45 -20.66 -22.94
C ILE A 211 -9.39 -20.53 -24.14
N GLU A 212 -8.93 -20.92 -25.33
CA GLU A 212 -9.72 -20.69 -26.54
C GLU A 212 -10.91 -21.66 -26.53
N GLU A 213 -10.65 -22.97 -26.54
CA GLU A 213 -11.75 -23.97 -26.62
C GLU A 213 -12.59 -24.10 -25.34
N TYR A 214 -11.93 -24.30 -24.20
CA TYR A 214 -12.62 -24.51 -22.90
C TYR A 214 -13.32 -23.25 -22.31
N LEU A 215 -12.71 -22.07 -22.40
CA LEU A 215 -13.34 -20.86 -21.79
C LEU A 215 -14.10 -20.04 -22.83
N PHE A 216 -13.42 -19.63 -23.89
CA PHE A 216 -14.01 -18.72 -24.91
C PHE A 216 -15.19 -19.37 -25.65
N GLU A 217 -15.12 -20.67 -25.92
CA GLU A 217 -16.15 -21.32 -26.75
C GLU A 217 -17.28 -21.84 -25.85
N HIS A 218 -17.18 -21.63 -24.53
CA HIS A 218 -18.21 -22.18 -23.62
C HIS A 218 -18.83 -21.18 -22.64
N TYR A 219 -18.04 -20.59 -21.74
CA TYR A 219 -18.68 -19.73 -20.70
C TYR A 219 -18.02 -18.36 -20.47
N VAL A 220 -16.97 -17.99 -21.20
CA VAL A 220 -16.28 -16.70 -20.98
C VAL A 220 -16.26 -15.97 -22.30
N PRO A 221 -17.14 -14.97 -22.48
CA PRO A 221 -17.19 -14.23 -23.74
C PRO A 221 -15.86 -13.46 -23.85
N ALA A 222 -15.07 -13.76 -24.88
CA ALA A 222 -13.70 -13.23 -25.07
C ALA A 222 -13.75 -11.70 -25.11
N GLU A 223 -14.80 -11.14 -25.70
CA GLU A 223 -15.01 -9.68 -25.86
C GLU A 223 -15.22 -8.97 -24.50
N GLU A 224 -15.61 -9.69 -23.44
CA GLU A 224 -15.81 -9.10 -22.10
C GLU A 224 -14.56 -9.24 -21.22
N VAL A 225 -13.45 -9.78 -21.74
CA VAL A 225 -12.24 -9.92 -20.90
C VAL A 225 -11.35 -8.69 -21.08
N ALA A 226 -11.14 -7.93 -20.01
CA ALA A 226 -10.34 -6.70 -20.00
C ALA A 226 -8.85 -7.07 -20.11
N GLY A 227 -8.43 -8.14 -19.45
CA GLY A 227 -6.98 -8.36 -19.27
C GLY A 227 -6.66 -9.81 -18.88
N ILE A 228 -5.47 -10.25 -19.26
CA ILE A 228 -4.84 -11.49 -18.75
C ILE A 228 -3.68 -11.04 -17.87
N PHE A 229 -3.72 -11.39 -16.60
CA PHE A 229 -2.65 -11.13 -15.63
C PHE A 229 -1.73 -12.36 -15.62
N PHE A 230 -0.45 -12.11 -15.61
CA PHE A 230 0.55 -13.18 -15.47
C PHE A 230 1.80 -12.67 -14.79
N GLU A 231 2.45 -13.60 -14.11
CA GLU A 231 3.88 -13.46 -13.75
C GLU A 231 4.72 -14.12 -14.83
N PRO A 232 5.83 -13.50 -15.25
CA PRO A 232 6.66 -14.04 -16.30
C PRO A 232 7.45 -15.27 -15.80
N ILE A 233 7.65 -15.33 -14.51
CA ILE A 233 8.08 -16.54 -13.75
C ILE A 233 7.19 -16.54 -12.53
N GLN A 234 6.52 -17.63 -12.17
CA GLN A 234 5.66 -17.63 -10.96
C GLN A 234 6.57 -17.68 -9.73
N GLY A 235 6.36 -16.74 -8.83
CA GLY A 235 7.26 -16.53 -7.69
C GLY A 235 6.86 -17.37 -6.52
N GLU A 236 5.81 -16.93 -5.83
CA GLU A 236 5.34 -17.58 -4.58
C GLU A 236 4.92 -18.99 -4.92
N GLY A 237 4.44 -19.16 -6.15
CA GLY A 237 4.02 -20.47 -6.65
C GLY A 237 5.17 -21.45 -6.88
N GLY A 238 6.45 -21.04 -6.81
CA GLY A 238 7.56 -22.03 -6.86
C GLY A 238 8.76 -21.65 -7.71
N TYR A 239 8.88 -20.40 -8.17
CA TYR A 239 9.90 -20.01 -9.17
C TYR A 239 9.74 -20.89 -10.41
N VAL A 240 8.55 -20.82 -11.00
CA VAL A 240 8.17 -21.64 -12.19
C VAL A 240 8.44 -20.84 -13.46
N VAL A 241 9.36 -21.31 -14.30
CA VAL A 241 9.78 -20.64 -15.54
C VAL A 241 9.02 -21.26 -16.70
N PRO A 242 8.12 -20.48 -17.39
CA PRO A 242 7.30 -21.04 -18.46
C PRO A 242 8.15 -21.20 -19.71
N PRO A 243 7.66 -21.91 -20.74
CA PRO A 243 8.39 -22.00 -21.98
C PRO A 243 8.64 -20.66 -22.66
N LYS A 244 9.76 -20.56 -23.36
CA LYS A 244 10.28 -19.29 -23.92
C LYS A 244 9.24 -18.66 -24.86
N ASN A 245 8.52 -19.45 -25.64
CA ASN A 245 7.56 -18.95 -26.67
C ASN A 245 6.15 -18.74 -26.09
N PHE A 246 5.95 -18.91 -24.80
CA PHE A 246 4.55 -18.96 -24.28
C PHE A 246 3.86 -17.60 -24.47
N PHE A 247 4.50 -16.52 -24.03
CA PHE A 247 3.91 -15.17 -24.04
C PHE A 247 3.68 -14.67 -25.46
N LYS A 248 4.49 -15.11 -26.44
CA LYS A 248 4.22 -14.74 -27.85
C LYS A 248 2.88 -15.35 -28.25
N GLU A 249 2.62 -16.61 -27.87
CA GLU A 249 1.35 -17.28 -28.24
C GLU A 249 0.19 -16.62 -27.46
N LEU A 250 0.39 -16.34 -26.18
CA LEU A 250 -0.62 -15.63 -25.33
C LEU A 250 -0.99 -14.29 -25.95
N LYS A 251 0.02 -13.54 -26.43
CA LYS A 251 -0.21 -12.22 -27.07
C LYS A 251 -0.98 -12.38 -28.38
N LYS A 252 -0.73 -13.41 -29.18
CA LYS A 252 -1.54 -13.61 -30.40
C LYS A 252 -3.00 -13.82 -30.01
N LEU A 253 -3.26 -14.62 -28.97
CA LEU A 253 -4.64 -14.90 -28.51
C LEU A 253 -5.30 -13.60 -28.00
N ALA A 254 -4.62 -12.82 -27.17
CA ALA A 254 -5.17 -11.59 -26.55
C ALA A 254 -5.47 -10.57 -27.65
N ASP A 255 -4.55 -10.40 -28.59
CA ASP A 255 -4.66 -9.42 -29.69
C ASP A 255 -5.90 -9.74 -30.54
N LYS A 256 -6.20 -11.01 -30.83
CA LYS A 256 -7.38 -11.42 -31.60
C LYS A 256 -8.68 -10.92 -30.91
N HIS A 257 -8.69 -10.66 -29.61
CA HIS A 257 -9.96 -10.37 -28.89
C HIS A 257 -9.93 -9.00 -28.21
N GLY A 258 -8.87 -8.21 -28.42
CA GLY A 258 -8.69 -6.88 -27.82
C GLY A 258 -8.43 -6.93 -26.34
N ILE A 259 -7.82 -8.02 -25.85
CA ILE A 259 -7.54 -8.20 -24.42
C ILE A 259 -6.14 -7.67 -24.13
N LEU A 260 -6.01 -7.01 -22.99
CA LEU A 260 -4.73 -6.46 -22.52
C LEU A 260 -3.88 -7.58 -21.93
N LEU A 261 -2.58 -7.44 -22.08
CA LEU A 261 -1.59 -8.25 -21.32
C LEU A 261 -1.02 -7.41 -20.17
N ILE A 262 -1.15 -7.95 -18.98
CA ILE A 262 -0.75 -7.33 -17.69
C ILE A 262 0.33 -8.23 -17.09
N ASP A 263 1.56 -7.73 -17.15
CA ASP A 263 2.81 -8.40 -16.70
C ASP A 263 3.14 -7.93 -15.29
N ASP A 264 3.01 -8.82 -14.31
CA ASP A 264 3.32 -8.62 -12.88
C ASP A 264 4.82 -8.93 -12.68
N GLU A 265 5.63 -7.88 -12.63
CA GLU A 265 7.11 -7.92 -12.37
C GLU A 265 7.42 -7.55 -10.94
N VAL A 266 6.47 -7.65 -10.03
CA VAL A 266 6.66 -7.20 -8.65
C VAL A 266 7.82 -8.03 -8.06
N GLN A 267 7.96 -9.31 -8.44
CA GLN A 267 9.06 -10.15 -7.88
C GLN A 267 10.22 -10.35 -8.88
N MET A 268 9.96 -10.44 -10.18
CA MET A 268 10.98 -10.87 -11.18
C MET A 268 11.60 -9.70 -11.92
N GLY A 269 11.19 -8.47 -11.61
CA GLY A 269 11.66 -7.26 -12.33
C GLY A 269 12.91 -6.67 -11.71
N MET A 270 13.28 -5.44 -12.10
CA MET A 270 14.40 -4.68 -11.47
C MET A 270 15.67 -5.56 -11.45
N GLY A 271 15.97 -6.21 -12.56
CA GLY A 271 17.24 -6.86 -12.91
C GLY A 271 17.36 -8.31 -12.44
N ARG A 272 16.38 -8.82 -11.70
CA ARG A 272 16.52 -10.11 -10.96
C ARG A 272 16.94 -11.25 -11.90
N THR A 273 16.45 -11.28 -13.15
CA THR A 273 16.68 -12.35 -14.16
C THR A 273 17.81 -11.98 -15.13
N GLY A 274 18.58 -10.96 -14.84
CA GLY A 274 19.66 -10.54 -15.76
C GLY A 274 19.13 -9.76 -16.94
N ARG A 275 17.89 -9.29 -16.85
CA ARG A 275 17.31 -8.25 -17.74
C ARG A 275 16.56 -7.28 -16.84
N MET A 276 16.30 -6.05 -17.30
CA MET A 276 15.59 -5.10 -16.41
C MET A 276 14.24 -5.74 -16.04
N TRP A 277 13.57 -6.30 -17.03
CA TRP A 277 12.29 -7.01 -16.80
C TRP A 277 12.41 -8.46 -17.24
N ALA A 278 11.79 -9.36 -16.49
CA ALA A 278 11.77 -10.80 -16.80
C ALA A 278 11.08 -11.07 -18.12
N ILE A 279 10.09 -10.24 -18.46
CA ILE A 279 9.30 -10.43 -19.71
C ILE A 279 10.23 -10.29 -20.93
N GLU A 280 11.36 -9.62 -20.75
CA GLU A 280 12.34 -9.39 -21.86
C GLU A 280 12.86 -10.73 -22.43
N HIS A 281 13.01 -11.76 -21.60
CA HIS A 281 13.46 -13.10 -22.05
C HIS A 281 12.40 -13.75 -22.96
N PHE A 282 11.16 -13.23 -22.99
CA PHE A 282 10.05 -13.88 -23.71
C PHE A 282 9.63 -13.02 -24.88
N ASP A 283 10.30 -11.89 -25.09
CA ASP A 283 10.15 -11.13 -26.36
C ASP A 283 8.70 -10.66 -26.60
N ILE A 284 7.98 -10.14 -25.61
CA ILE A 284 6.71 -9.41 -25.90
C ILE A 284 6.76 -8.10 -25.13
N VAL A 285 5.83 -7.23 -25.47
CA VAL A 285 5.70 -5.88 -24.91
C VAL A 285 4.33 -5.79 -24.25
N PRO A 286 4.28 -6.02 -22.94
CA PRO A 286 2.98 -6.03 -22.25
C PRO A 286 2.35 -4.64 -22.26
N ASP A 287 1.02 -4.59 -22.21
CA ASP A 287 0.24 -3.32 -22.18
C ASP A 287 0.40 -2.63 -20.84
N ILE A 288 0.49 -3.41 -19.76
CA ILE A 288 0.65 -2.88 -18.39
C ILE A 288 1.77 -3.68 -17.74
N VAL A 289 2.62 -3.02 -16.99
CA VAL A 289 3.67 -3.68 -16.18
C VAL A 289 3.56 -3.16 -14.75
N THR A 290 3.50 -4.04 -13.77
CA THR A 290 3.40 -3.66 -12.37
C THR A 290 4.75 -4.00 -11.72
N VAL A 291 5.21 -3.10 -10.85
CA VAL A 291 6.51 -3.26 -10.16
C VAL A 291 6.38 -2.69 -8.74
N ALA A 292 7.20 -3.22 -7.84
CA ALA A 292 7.26 -2.82 -6.42
C ALA A 292 8.50 -3.49 -5.83
N LYS A 293 8.52 -3.65 -4.51
CA LYS A 293 9.65 -4.37 -3.88
C LYS A 293 10.99 -3.72 -4.22
N ALA A 294 11.74 -4.36 -5.12
CA ALA A 294 13.14 -3.97 -5.36
C ALA A 294 13.21 -2.54 -5.91
N LEU A 295 12.10 -2.01 -6.46
CA LEU A 295 12.10 -0.66 -7.07
C LEU A 295 12.56 0.36 -6.02
N GLY A 296 12.12 0.25 -4.77
CA GLY A 296 12.38 1.27 -3.73
C GLY A 296 13.61 0.98 -2.90
N GLY A 297 14.35 -0.08 -3.23
CA GLY A 297 15.61 -0.48 -2.58
C GLY A 297 15.48 -0.61 -1.06
N GLY A 298 14.29 -0.95 -0.56
CA GLY A 298 14.03 -1.05 0.88
C GLY A 298 12.98 -0.07 1.39
N ILE A 299 12.61 0.94 0.59
CA ILE A 299 11.50 1.90 0.92
C ILE A 299 10.24 1.47 0.18
N PRO A 300 9.06 1.45 0.82
CA PRO A 300 7.80 1.10 0.15
C PRO A 300 7.47 1.95 -1.08
N ILE A 301 7.26 1.30 -2.22
CA ILE A 301 6.85 1.96 -3.48
C ILE A 301 6.26 0.90 -4.44
N GLY A 302 5.29 1.33 -5.24
CA GLY A 302 4.68 0.57 -6.34
C GLY A 302 4.63 1.44 -7.56
N ALA A 303 4.71 0.83 -8.72
CA ALA A 303 4.44 1.50 -9.99
C ALA A 303 3.64 0.59 -10.90
N THR A 304 2.75 1.23 -11.66
CA THR A 304 1.96 0.60 -12.73
C THR A 304 2.28 1.37 -14.00
N ILE A 305 2.98 0.73 -14.95
CA ILE A 305 3.46 1.37 -16.18
C ILE A 305 2.56 0.90 -17.29
N PHE A 306 1.91 1.81 -18.01
CA PHE A 306 0.90 1.30 -18.97
C PHE A 306 0.95 2.04 -20.31
N ARG A 307 0.35 1.41 -21.32
CA ARG A 307 0.21 2.04 -22.66
C ARG A 307 -0.50 3.35 -22.40
N ALA A 308 0.03 4.45 -22.94
CA ALA A 308 -0.46 5.80 -22.60
C ALA A 308 -1.94 5.99 -22.92
N ASP A 309 -2.44 5.40 -24.00
CA ASP A 309 -3.83 5.63 -24.43
C ASP A 309 -4.81 4.95 -23.47
N LEU A 310 -4.34 4.13 -22.52
CA LEU A 310 -5.27 3.51 -21.54
C LEU A 310 -5.66 4.55 -20.47
N ASP A 311 -4.95 5.69 -20.38
CA ASP A 311 -5.05 6.64 -19.24
C ASP A 311 -6.53 6.88 -18.90
N PHE A 312 -6.86 6.94 -17.59
CA PHE A 312 -8.15 7.46 -17.01
C PHE A 312 -8.51 8.81 -17.67
N GLY A 313 -9.69 8.91 -18.32
CA GLY A 313 -10.18 10.07 -19.10
C GLY A 313 -10.47 11.24 -18.19
N VAL A 314 -10.91 10.97 -16.97
CA VAL A 314 -11.26 11.99 -16.04
C VAL A 314 -10.47 11.89 -14.76
N SER A 315 -10.38 13.00 -14.04
CA SER A 315 -9.75 13.10 -12.69
C SER A 315 -10.65 12.41 -11.65
N GLY A 316 -10.02 11.74 -10.68
CA GLY A 316 -10.66 11.25 -9.44
C GLY A 316 -11.13 9.80 -9.54
N VAL A 317 -10.76 9.06 -10.60
CA VAL A 317 -11.11 7.61 -10.77
C VAL A 317 -10.16 6.78 -9.89
N HIS A 318 -8.86 7.12 -9.92
CA HIS A 318 -7.86 6.54 -8.98
C HIS A 318 -6.86 7.61 -8.54
N SER A 319 -6.33 7.40 -7.33
CA SER A 319 -5.33 8.25 -6.63
C SER A 319 -4.87 7.49 -5.37
N ASN A 320 -4.09 8.16 -4.51
CA ASN A 320 -3.69 7.72 -3.14
C ASN A 320 -3.09 8.93 -2.38
N THR A 321 -2.73 8.75 -1.11
CA THR A 321 -2.04 9.78 -0.28
C THR A 321 -0.52 9.72 -0.56
N PHE A 322 0.08 8.54 -0.31
CA PHE A 322 1.56 8.33 -0.22
C PHE A 322 2.20 8.16 -1.61
N GLY A 323 1.44 7.79 -2.65
CA GLY A 323 1.98 7.70 -4.02
C GLY A 323 2.78 8.95 -4.43
N GLY A 324 3.91 8.74 -5.09
CA GLY A 324 4.88 9.81 -5.45
C GLY A 324 5.69 10.29 -4.26
N ASN A 325 5.67 9.55 -3.13
CA ASN A 325 6.49 9.78 -1.89
C ASN A 325 7.94 10.09 -2.30
N THR A 326 8.44 11.26 -1.94
CA THR A 326 9.72 11.77 -2.50
C THR A 326 10.88 10.92 -1.98
N VAL A 327 10.82 10.41 -0.75
CA VAL A 327 11.93 9.54 -0.22
C VAL A 327 11.99 8.29 -1.11
N ALA A 328 10.84 7.67 -1.35
CA ALA A 328 10.70 6.48 -2.23
C ALA A 328 11.19 6.80 -3.64
N ALA A 329 10.88 7.99 -4.16
CA ALA A 329 11.24 8.39 -5.55
C ALA A 329 12.75 8.51 -5.68
N ALA A 330 13.38 9.15 -4.71
CA ALA A 330 14.85 9.29 -4.60
C ALA A 330 15.51 7.91 -4.54
N ALA A 331 15.05 7.02 -3.65
CA ALA A 331 15.58 5.64 -3.49
C ALA A 331 15.52 4.92 -4.85
N ALA A 332 14.35 4.98 -5.51
CA ALA A 332 14.11 4.25 -6.78
C ALA A 332 15.02 4.78 -7.89
N LEU A 333 15.19 6.10 -8.01
CA LEU A 333 16.12 6.64 -9.04
C LEU A 333 17.54 6.07 -8.79
N ALA A 334 17.94 5.97 -7.54
CA ALA A 334 19.28 5.46 -7.17
C ALA A 334 19.37 3.95 -7.47
N VAL A 335 18.31 3.20 -7.12
CA VAL A 335 18.20 1.77 -7.49
C VAL A 335 18.41 1.62 -8.99
N ILE A 336 17.64 2.34 -9.83
CA ILE A 336 17.67 2.08 -11.30
C ILE A 336 19.09 2.33 -11.85
N GLU A 337 19.79 3.33 -11.34
CA GLU A 337 21.17 3.69 -11.80
C GLU A 337 22.17 2.57 -11.42
N GLU A 338 22.07 2.05 -10.20
CA GLU A 338 22.85 0.87 -9.75
C GLU A 338 22.61 -0.30 -10.71
N LEU A 339 21.34 -0.61 -11.03
CA LEU A 339 21.01 -1.76 -11.91
C LEU A 339 21.70 -1.57 -13.25
N GLN A 340 21.51 -0.39 -13.85
CA GLN A 340 22.00 -0.05 -15.22
C GLN A 340 23.52 0.05 -15.25
N ASN A 341 24.16 0.27 -14.10
CA ASN A 341 25.63 0.50 -14.11
C ASN A 341 26.44 -0.76 -13.79
N GLY A 342 25.81 -1.94 -13.80
CA GLY A 342 26.55 -3.20 -13.56
C GLY A 342 25.85 -4.31 -12.78
N LEU A 343 24.78 -4.06 -12.04
CA LEU A 343 24.15 -5.18 -11.28
C LEU A 343 23.39 -6.12 -12.22
N ILE A 344 22.74 -5.59 -13.25
CA ILE A 344 22.02 -6.46 -14.22
C ILE A 344 23.05 -7.34 -14.91
N GLU A 345 24.16 -6.73 -15.34
CA GLU A 345 25.26 -7.47 -16.02
C GLU A 345 25.81 -8.55 -15.09
N ASN A 346 25.92 -8.26 -13.80
CA ASN A 346 26.43 -9.22 -12.78
C ASN A 346 25.48 -10.42 -12.66
N ALA A 347 24.18 -10.21 -12.84
CA ALA A 347 23.18 -11.30 -12.78
C ALA A 347 23.38 -12.19 -14.01
N GLN A 348 23.62 -11.59 -15.18
CA GLN A 348 23.89 -12.37 -16.41
C GLN A 348 25.18 -13.17 -16.24
N LYS A 349 26.20 -12.56 -15.63
CA LYS A 349 27.52 -13.20 -15.44
C LYS A 349 27.43 -14.42 -14.50
N LEU A 350 26.71 -14.28 -13.39
CA LEU A 350 26.55 -15.35 -12.37
C LEU A 350 25.60 -16.46 -12.86
N GLU A 351 24.70 -16.15 -13.78
CA GLU A 351 23.68 -17.12 -14.30
C GLU A 351 24.33 -18.51 -14.48
N PRO A 352 25.35 -18.69 -15.33
CA PRO A 352 25.83 -20.04 -15.62
C PRO A 352 26.44 -20.74 -14.41
N LEU A 353 26.98 -20.00 -13.43
CA LEU A 353 27.43 -20.60 -12.15
C LEU A 353 26.23 -21.26 -11.48
N PHE A 354 25.12 -20.55 -11.35
CA PHE A 354 23.89 -21.11 -10.75
C PHE A 354 23.38 -22.29 -11.58
N ARG A 355 23.30 -22.18 -12.90
CA ARG A 355 22.81 -23.28 -13.76
C ARG A 355 23.70 -24.53 -13.49
N GLU A 356 25.03 -24.35 -13.61
CA GLU A 356 25.98 -25.49 -13.55
C GLU A 356 25.86 -26.17 -12.19
N ARG A 357 25.98 -25.41 -11.09
N ARG A 357 25.96 -25.41 -11.10
CA ARG A 357 26.00 -26.00 -9.72
CA ARG A 357 25.99 -25.98 -9.72
C ARG A 357 24.67 -26.70 -9.43
C ARG A 357 24.67 -26.66 -9.37
N LEU A 358 23.54 -26.09 -9.79
CA LEU A 358 22.21 -26.66 -9.52
C LEU A 358 22.02 -27.89 -10.42
N GLU A 359 22.49 -27.88 -11.66
CA GLU A 359 22.34 -29.10 -12.50
C GLU A 359 23.21 -30.21 -11.87
N GLU A 360 24.43 -29.87 -11.42
CA GLU A 360 25.33 -30.81 -10.68
C GLU A 360 24.56 -31.35 -9.47
N MET A 361 23.92 -30.49 -8.68
CA MET A 361 23.12 -30.97 -7.52
C MET A 361 21.97 -31.86 -7.95
N LYS A 362 21.28 -31.55 -9.05
CA LYS A 362 20.17 -32.44 -9.52
C LYS A 362 20.72 -33.83 -9.87
N GLU A 363 21.84 -33.90 -10.60
CA GLU A 363 22.45 -35.20 -11.00
C GLU A 363 22.77 -36.04 -9.74
N LYS A 364 23.30 -35.39 -8.72
CA LYS A 364 23.82 -36.06 -7.49
C LYS A 364 22.71 -36.39 -6.48
N TYR A 365 21.79 -35.48 -6.15
CA TYR A 365 20.81 -35.66 -5.04
C TYR A 365 19.41 -35.98 -5.58
N GLU A 366 18.94 -37.20 -5.34
CA GLU A 366 17.64 -37.73 -5.85
C GLU A 366 16.46 -36.88 -5.35
N ILE A 367 16.56 -36.34 -4.13
CA ILE A 367 15.47 -35.55 -3.48
C ILE A 367 15.11 -34.31 -4.36
N ILE A 368 16.01 -33.85 -5.23
CA ILE A 368 15.74 -32.72 -6.17
C ILE A 368 14.95 -33.30 -7.36
N GLY A 369 13.69 -32.88 -7.53
CA GLY A 369 12.87 -33.17 -8.73
C GLY A 369 13.22 -32.29 -9.90
N ASP A 370 13.48 -31.01 -9.64
CA ASP A 370 13.57 -30.03 -10.74
C ASP A 370 14.42 -28.85 -10.26
N VAL A 371 15.21 -28.30 -11.17
CA VAL A 371 15.86 -26.97 -10.97
C VAL A 371 15.50 -26.11 -12.18
N ARG A 372 15.37 -24.82 -11.97
CA ARG A 372 14.95 -23.88 -13.04
C ARG A 372 15.28 -22.47 -12.62
N GLY A 373 15.51 -21.61 -13.60
CA GLY A 373 15.92 -20.23 -13.27
C GLY A 373 16.42 -19.45 -14.45
N LEU A 374 16.61 -18.17 -14.19
CA LEU A 374 17.13 -17.17 -15.15
C LEU A 374 17.89 -16.13 -14.32
N GLY A 375 19.04 -15.68 -14.80
CA GLY A 375 19.81 -14.67 -14.05
C GLY A 375 20.08 -15.13 -12.65
N LEU A 376 19.65 -14.35 -11.67
CA LEU A 376 19.74 -14.69 -10.24
C LEU A 376 18.37 -14.99 -9.62
N ALA A 377 17.48 -15.56 -10.42
CA ALA A 377 16.18 -16.07 -9.93
C ALA A 377 16.21 -17.59 -10.15
N TRP A 378 16.33 -18.37 -9.06
CA TRP A 378 16.44 -19.84 -9.21
C TRP A 378 15.49 -20.57 -8.27
N GLY A 379 14.88 -21.64 -8.79
CA GLY A 379 13.95 -22.48 -8.01
C GLY A 379 14.41 -23.93 -8.02
N VAL A 380 14.43 -24.56 -6.85
CA VAL A 380 14.81 -25.98 -6.66
C VAL A 380 13.63 -26.65 -6.00
N GLU A 381 13.00 -27.62 -6.66
CA GLU A 381 11.78 -28.29 -6.10
C GLU A 381 12.17 -29.70 -5.62
N PHE A 382 11.77 -30.01 -4.39
CA PHE A 382 12.12 -31.25 -3.65
C PHE A 382 10.91 -32.16 -3.71
N VAL A 383 11.16 -33.43 -4.07
CA VAL A 383 10.07 -34.43 -4.16
C VAL A 383 10.55 -35.71 -3.44
N LYS A 384 9.59 -36.44 -2.86
CA LYS A 384 9.73 -37.78 -2.22
C LYS A 384 10.09 -38.83 -3.27
N ASP A 385 9.65 -38.67 -4.49
CA ASP A 385 9.86 -39.68 -5.57
C ASP A 385 9.82 -38.95 -6.92
N ARG A 386 10.79 -39.14 -7.81
CA ARG A 386 10.90 -38.33 -9.06
C ARG A 386 9.79 -38.75 -10.03
N LYS A 387 9.17 -39.91 -9.83
CA LYS A 387 8.07 -40.44 -10.68
C LYS A 387 6.70 -39.93 -10.20
N THR A 388 6.37 -40.02 -8.93
CA THR A 388 5.07 -39.50 -8.39
C THR A 388 5.10 -37.97 -8.27
N LYS A 389 6.28 -37.39 -8.07
CA LYS A 389 6.51 -35.94 -7.82
C LYS A 389 5.74 -35.52 -6.56
N GLU A 390 5.50 -36.44 -5.62
CA GLU A 390 4.86 -36.13 -4.31
C GLU A 390 5.73 -35.05 -3.61
N TYR A 391 5.09 -34.02 -3.03
CA TYR A 391 5.81 -32.84 -2.52
C TYR A 391 6.61 -33.24 -1.29
N ALA A 392 7.90 -32.94 -1.23
CA ALA A 392 8.76 -33.20 -0.04
C ALA A 392 8.73 -31.96 0.87
N THR A 393 7.56 -31.60 1.39
CA THR A 393 7.28 -30.34 2.13
C THR A 393 8.04 -30.36 3.45
N LYS A 394 7.95 -31.44 4.24
CA LYS A 394 8.74 -31.58 5.49
C LYS A 394 10.21 -31.35 5.20
N GLU A 395 10.73 -32.08 4.22
CA GLU A 395 12.17 -32.05 3.91
C GLU A 395 12.59 -30.65 3.44
N ARG A 396 11.77 -29.99 2.59
CA ARG A 396 12.06 -28.63 2.06
C ARG A 396 12.30 -27.72 3.28
N GLY A 397 11.35 -27.70 4.19
CA GLY A 397 11.48 -26.92 5.44
C GLY A 397 12.75 -27.25 6.22
N GLU A 398 13.18 -28.53 6.24
CA GLU A 398 14.37 -28.93 7.01
C GLU A 398 15.60 -28.40 6.30
N ILE A 399 15.57 -28.33 4.96
CA ILE A 399 16.76 -27.83 4.22
C ILE A 399 16.94 -26.36 4.57
N VAL A 400 15.84 -25.61 4.69
CA VAL A 400 15.91 -24.15 4.99
C VAL A 400 16.55 -23.99 6.38
N VAL A 401 16.02 -24.74 7.34
CA VAL A 401 16.50 -24.75 8.75
C VAL A 401 17.99 -25.13 8.81
N GLU A 402 18.42 -26.16 8.08
CA GLU A 402 19.84 -26.59 8.13
C GLU A 402 20.71 -25.53 7.46
N ALA A 403 20.21 -24.84 6.44
CA ALA A 403 20.99 -23.77 5.77
C ALA A 403 21.22 -22.64 6.78
N LEU A 404 20.20 -22.33 7.59
CA LEU A 404 20.23 -21.21 8.56
C LEU A 404 21.32 -21.50 9.60
N LYS A 405 21.29 -22.71 10.17
CA LYS A 405 22.29 -23.19 11.16
C LYS A 405 23.70 -23.07 10.59
N ARG A 406 23.86 -23.18 9.27
CA ARG A 406 25.19 -23.10 8.60
C ARG A 406 25.41 -21.71 8.02
N GLY A 407 24.51 -20.75 8.30
CA GLY A 407 24.75 -19.33 7.93
C GLY A 407 24.29 -18.94 6.53
N LEU A 408 23.19 -19.53 6.06
CA LEU A 408 22.57 -19.16 4.76
C LEU A 408 21.08 -18.92 5.00
N ALA A 409 20.59 -17.74 4.61
CA ALA A 409 19.16 -17.37 4.70
C ALA A 409 18.49 -17.69 3.36
N LEU A 410 17.56 -18.64 3.37
CA LEU A 410 16.79 -19.13 2.20
C LEU A 410 15.31 -18.94 2.52
N LEU A 411 14.48 -18.87 1.50
CA LEU A 411 13.00 -18.89 1.64
C LEU A 411 12.46 -20.05 0.82
N GLY A 412 11.48 -20.74 1.36
CA GLY A 412 10.64 -21.66 0.61
C GLY A 412 9.80 -20.91 -0.42
N CYS A 413 9.35 -21.63 -1.44
CA CYS A 413 8.33 -21.18 -2.39
C CYS A 413 7.49 -22.40 -2.79
N GLY A 414 6.21 -22.18 -3.07
CA GLY A 414 5.27 -23.26 -3.39
C GLY A 414 5.22 -24.29 -2.28
N LYS A 415 4.79 -25.51 -2.62
CA LYS A 415 4.54 -26.55 -1.59
C LYS A 415 5.88 -27.17 -1.17
N SER A 416 6.91 -27.27 -2.01
CA SER A 416 8.15 -28.00 -1.62
C SER A 416 9.38 -27.49 -2.37
N ALA A 417 9.38 -26.21 -2.75
CA ALA A 417 10.55 -25.62 -3.43
C ALA A 417 11.30 -24.65 -2.51
N ILE A 418 12.49 -24.32 -2.94
CA ILE A 418 13.30 -23.25 -2.33
C ILE A 418 13.70 -22.32 -3.46
N ARG A 419 13.64 -21.02 -3.19
CA ARG A 419 14.09 -20.01 -4.16
C ARG A 419 15.49 -19.60 -3.71
N LEU A 420 16.36 -19.36 -4.68
CA LEU A 420 17.71 -18.80 -4.43
C LEU A 420 17.69 -17.41 -5.08
N ILE A 421 17.64 -16.36 -4.26
CA ILE A 421 17.57 -14.98 -4.83
C ILE A 421 18.56 -14.07 -4.07
N PRO A 422 19.88 -14.23 -4.28
CA PRO A 422 20.86 -13.38 -3.60
C PRO A 422 20.86 -11.98 -4.20
N PRO A 423 21.25 -10.93 -3.43
CA PRO A 423 21.35 -9.58 -3.97
C PRO A 423 22.20 -9.61 -5.24
N LEU A 424 21.91 -8.74 -6.19
CA LEU A 424 22.62 -8.73 -7.50
C LEU A 424 24.06 -8.22 -7.35
N ILE A 425 24.41 -7.63 -6.19
CA ILE A 425 25.80 -7.20 -5.85
C ILE A 425 26.65 -8.41 -5.43
N ILE A 426 26.08 -9.61 -5.27
CA ILE A 426 26.84 -10.81 -4.77
C ILE A 426 28.04 -11.09 -5.69
N SER A 427 29.21 -11.40 -5.09
CA SER A 427 30.46 -11.78 -5.77
C SER A 427 30.39 -13.24 -6.20
N GLU A 428 31.16 -13.61 -7.21
CA GLU A 428 31.32 -15.03 -7.60
C GLU A 428 31.63 -15.86 -6.34
N GLU A 429 32.49 -15.36 -5.46
CA GLU A 429 33.04 -16.11 -4.29
C GLU A 429 31.93 -16.27 -3.25
N GLU A 430 31.17 -15.20 -3.03
CA GLU A 430 29.99 -15.26 -2.13
C GLU A 430 28.95 -16.23 -2.71
N ALA A 431 28.72 -16.23 -4.02
CA ALA A 431 27.72 -17.14 -4.65
C ALA A 431 28.16 -18.61 -4.41
N LYS A 432 29.41 -18.96 -4.74
CA LYS A 432 29.96 -20.34 -4.60
C LYS A 432 29.76 -20.80 -3.14
N MET A 433 30.09 -19.96 -2.19
CA MET A 433 29.95 -20.24 -0.73
C MET A 433 28.48 -20.54 -0.41
N GLY A 434 27.54 -19.77 -0.94
CA GLY A 434 26.13 -20.02 -0.62
C GLY A 434 25.66 -21.30 -1.30
N LEU A 435 26.09 -21.54 -2.54
CA LEU A 435 25.70 -22.80 -3.23
C LEU A 435 26.32 -23.99 -2.46
N ASP A 436 27.60 -23.87 -2.01
CA ASP A 436 28.24 -24.97 -1.23
C ASP A 436 27.41 -25.19 0.03
N ILE A 437 26.98 -24.13 0.72
CA ILE A 437 26.18 -24.33 1.98
C ILE A 437 24.83 -24.95 1.62
N PHE A 438 24.26 -24.51 0.49
CA PHE A 438 22.95 -25.05 0.05
C PHE A 438 23.09 -26.54 -0.23
N GLU A 439 24.18 -26.93 -0.90
CA GLU A 439 24.43 -28.36 -1.23
C GLU A 439 24.59 -29.16 0.07
N GLU A 440 25.27 -28.60 1.07
CA GLU A 440 25.49 -29.30 2.37
C GLU A 440 24.15 -29.55 3.06
N ALA A 441 23.25 -28.56 3.04
CA ALA A 441 21.92 -28.69 3.68
C ALA A 441 21.10 -29.80 3.00
N ILE A 442 21.15 -29.86 1.66
CA ILE A 442 20.44 -30.93 0.91
C ILE A 442 21.06 -32.29 1.32
N LYS A 443 22.40 -32.39 1.27
CA LYS A 443 23.16 -33.64 1.61
C LYS A 443 22.73 -34.11 3.00
N VAL A 444 22.84 -33.23 4.01
CA VAL A 444 22.42 -33.51 5.41
C VAL A 444 21.00 -34.09 5.43
N VAL A 445 20.01 -33.38 4.86
CA VAL A 445 18.59 -33.82 4.94
C VAL A 445 18.42 -35.08 4.07
N SER A 446 19.18 -35.25 2.96
CA SER A 446 19.16 -36.47 2.11
C SER A 446 19.60 -37.67 2.96
N GLU A 447 20.79 -37.59 3.58
CA GLU A 447 21.38 -38.64 4.48
C GLU A 447 20.37 -38.93 5.60
N ARG A 448 19.79 -37.89 6.20
CA ARG A 448 18.89 -38.02 7.37
C ARG A 448 17.61 -38.76 7.00
N HIS A 449 17.20 -38.75 5.73
CA HIS A 449 15.91 -39.38 5.34
C HIS A 449 16.16 -40.59 4.45
N GLY A 450 17.39 -40.86 4.02
CA GLY A 450 17.76 -42.04 3.21
C GLY A 450 17.59 -41.82 1.72
N TYR A 451 17.58 -40.57 1.25
CA TYR A 451 17.41 -40.29 -0.20
C TYR A 451 18.72 -40.68 -0.88
N LYS A 452 18.64 -41.18 -2.10
CA LYS A 452 19.85 -41.59 -2.83
C LYS A 452 20.72 -40.38 -3.07
N ILE A 453 22.01 -40.65 -3.03
CA ILE A 453 23.08 -39.70 -3.39
C ILE A 453 23.95 -40.45 -4.39
N HIS A 454 23.93 -40.02 -5.62
CA HIS A 454 24.56 -40.69 -6.77
C HIS A 454 26.03 -40.22 -6.84
N LEU B 3 11.35 32.50 7.84
CA LEU B 3 10.39 32.24 6.73
C LEU B 3 9.04 32.87 7.08
N LYS B 4 8.39 33.43 6.08
CA LYS B 4 7.02 34.03 6.18
C LYS B 4 6.30 33.76 4.85
N PRO B 5 4.96 33.84 4.78
CA PRO B 5 4.30 33.59 3.51
C PRO B 5 4.86 34.66 2.55
N ASN B 6 5.39 34.23 1.40
CA ASN B 6 5.95 35.15 0.38
C ASN B 6 5.66 34.56 -1.00
N VAL B 7 4.75 35.19 -1.76
CA VAL B 7 4.40 34.65 -3.10
C VAL B 7 4.48 35.74 -4.17
N LYS B 8 5.20 35.47 -5.26
CA LYS B 8 5.26 36.36 -6.45
C LYS B 8 4.36 35.70 -7.50
N GLU B 9 4.89 35.22 -8.60
CA GLU B 9 4.07 34.48 -9.59
C GLU B 9 3.91 33.05 -9.08
N ILE B 10 2.69 32.52 -9.08
CA ILE B 10 2.43 31.08 -8.78
C ILE B 10 1.28 30.60 -9.65
N PRO B 11 1.43 29.54 -10.48
CA PRO B 11 2.70 28.85 -10.68
C PRO B 11 3.73 29.62 -11.53
N GLY B 12 4.94 29.72 -11.00
CA GLY B 12 6.13 30.28 -11.67
C GLY B 12 6.63 29.37 -12.79
N PRO B 13 7.69 29.81 -13.50
CA PRO B 13 8.19 29.10 -14.68
C PRO B 13 8.71 27.69 -14.36
N LYS B 14 9.34 27.48 -13.22
CA LYS B 14 9.83 26.11 -12.89
C LYS B 14 8.63 25.21 -12.55
N ALA B 15 7.62 25.73 -11.86
CA ALA B 15 6.36 25.04 -11.51
C ALA B 15 5.66 24.61 -12.79
N ARG B 16 5.53 25.52 -13.75
CA ARG B 16 4.79 25.22 -15.00
C ARG B 16 5.52 24.08 -15.74
N LYS B 17 6.85 24.01 -15.67
CA LYS B 17 7.59 22.95 -16.39
C LYS B 17 7.26 21.59 -15.74
N VAL B 18 7.26 21.54 -14.41
CA VAL B 18 6.95 20.30 -13.66
C VAL B 18 5.51 19.86 -13.97
N ILE B 19 4.57 20.79 -13.98
CA ILE B 19 3.13 20.48 -14.20
C ILE B 19 2.97 19.87 -15.58
N GLU B 20 3.61 20.44 -16.59
CA GLU B 20 3.53 19.93 -17.97
C GLU B 20 4.14 18.52 -18.01
N GLU B 21 5.30 18.30 -17.38
CA GLU B 21 5.94 16.97 -17.36
C GLU B 21 5.04 15.94 -16.63
N HIS B 22 4.40 16.32 -15.53
CA HIS B 22 3.44 15.50 -14.75
C HIS B 22 2.34 14.98 -15.69
N HIS B 23 1.68 15.86 -16.45
CA HIS B 23 0.57 15.51 -17.36
C HIS B 23 1.09 14.60 -18.47
N LYS B 24 2.33 14.76 -18.88
CA LYS B 24 2.87 13.93 -19.97
C LYS B 24 3.15 12.50 -19.46
N TYR B 25 3.83 12.35 -18.33
CA TYR B 25 4.42 11.04 -17.92
C TYR B 25 3.50 10.28 -16.94
N MET B 26 2.63 10.97 -16.24
CA MET B 26 1.87 10.39 -15.10
C MET B 26 0.41 10.21 -15.45
N ALA B 27 -0.24 9.26 -14.77
CA ALA B 27 -1.66 8.94 -14.99
C ALA B 27 -2.53 10.11 -14.51
N THR B 28 -3.74 10.24 -15.08
CA THR B 28 -4.67 11.32 -14.67
C THR B 28 -5.33 10.88 -13.36
N THR B 29 -5.10 11.63 -12.28
CA THR B 29 -5.64 11.27 -10.94
C THR B 29 -6.48 12.41 -10.35
N THR B 30 -5.98 13.03 -9.28
CA THR B 30 -6.68 14.13 -8.54
C THR B 30 -5.80 15.41 -8.52
N ASN B 31 -4.69 15.45 -9.27
CA ASN B 31 -3.92 16.70 -9.45
C ASN B 31 -4.82 17.68 -10.22
N ASP B 32 -4.70 18.98 -9.92
CA ASP B 32 -5.52 20.05 -10.54
C ASP B 32 -4.59 21.22 -10.90
N PRO B 33 -4.22 21.39 -12.20
CA PRO B 33 -3.32 22.48 -12.59
C PRO B 33 -3.92 23.88 -12.32
N ASN B 34 -5.26 23.94 -12.21
CA ASN B 34 -6.06 25.20 -12.13
C ASN B 34 -6.31 25.58 -10.67
N GLU B 35 -6.64 24.61 -9.81
CA GLU B 35 -6.98 24.89 -8.39
C GLU B 35 -5.79 24.58 -7.46
N TYR B 36 -4.94 23.63 -7.83
CA TYR B 36 -3.81 23.26 -6.92
C TYR B 36 -2.49 23.28 -7.69
N PHE B 37 -2.04 24.49 -8.07
CA PHE B 37 -0.74 24.62 -8.79
C PHE B 37 0.41 24.83 -7.80
N LEU B 38 0.56 23.92 -6.83
CA LEU B 38 1.65 24.02 -5.84
C LEU B 38 2.65 22.90 -6.15
N VAL B 39 3.87 23.29 -6.50
CA VAL B 39 4.97 22.38 -6.86
C VAL B 39 6.07 22.54 -5.81
N ILE B 40 6.11 21.60 -4.89
CA ILE B 40 6.93 21.63 -3.65
C ILE B 40 8.35 21.17 -3.97
N GLU B 41 9.34 21.97 -3.56
CA GLU B 41 10.77 21.64 -3.69
C GLU B 41 11.30 21.24 -2.32
N ARG B 42 10.88 21.96 -1.28
CA ARG B 42 11.30 21.61 0.09
C ARG B 42 10.33 22.15 1.11
N ALA B 43 10.55 21.80 2.36
CA ALA B 43 9.70 22.22 3.48
C ALA B 43 10.58 22.50 4.71
N GLU B 44 10.13 23.47 5.50
CA GLU B 44 10.86 23.98 6.69
C GLU B 44 9.78 24.41 7.69
N GLY B 45 9.71 23.74 8.84
CA GLY B 45 8.77 24.11 9.89
C GLY B 45 7.33 23.90 9.44
N VAL B 46 6.50 24.95 9.35
CA VAL B 46 5.10 24.86 8.83
C VAL B 46 5.02 25.44 7.41
N TYR B 47 6.13 25.58 6.71
CA TYR B 47 6.19 26.24 5.37
C TYR B 47 6.58 25.25 4.27
N TRP B 48 5.87 25.35 3.14
CA TRP B 48 6.34 24.87 1.81
C TRP B 48 7.17 25.96 1.14
N ILE B 49 8.28 25.56 0.52
CA ILE B 49 9.04 26.36 -0.48
C ILE B 49 8.86 25.68 -1.85
N ASP B 50 8.19 26.36 -2.79
CA ASP B 50 7.94 25.79 -4.13
C ASP B 50 9.18 25.94 -4.99
N VAL B 51 9.19 25.30 -6.15
CA VAL B 51 10.39 25.23 -7.03
C VAL B 51 10.76 26.63 -7.57
N ASP B 52 9.92 27.65 -7.45
CA ASP B 52 10.29 29.02 -7.91
C ASP B 52 10.67 29.87 -6.69
N GLY B 53 10.74 29.29 -5.49
CA GLY B 53 11.14 30.01 -4.27
C GLY B 53 9.97 30.66 -3.54
N ASN B 54 8.73 30.50 -4.00
CA ASN B 54 7.53 30.98 -3.25
C ASN B 54 7.50 30.27 -1.90
N VAL B 55 7.03 30.95 -0.84
CA VAL B 55 7.00 30.40 0.53
C VAL B 55 5.56 30.42 1.00
N LEU B 56 5.01 29.25 1.31
CA LEU B 56 3.58 29.17 1.65
C LEU B 56 3.42 28.56 3.04
N LEU B 57 2.54 29.16 3.83
CA LEU B 57 2.16 28.61 5.12
C LEU B 57 1.27 27.42 4.83
N ASP B 58 1.55 26.30 5.46
CA ASP B 58 0.82 25.04 5.18
C ASP B 58 -0.37 24.91 6.14
N PHE B 59 -1.60 24.86 5.61
CA PHE B 59 -2.83 24.47 6.34
C PHE B 59 -3.41 23.18 5.74
N SER B 60 -2.57 22.42 5.01
CA SER B 60 -2.90 21.13 4.33
C SER B 60 -2.31 19.91 5.08
N SER B 61 -1.10 20.05 5.61
CA SER B 61 -0.43 18.93 6.30
C SER B 61 -0.33 17.74 5.33
N GLY B 62 -0.15 18.02 4.04
CA GLY B 62 -0.08 16.92 3.05
C GLY B 62 -1.26 15.99 3.17
N ILE B 63 -2.47 16.56 3.21
CA ILE B 63 -3.76 15.80 3.39
C ILE B 63 -3.77 15.04 4.72
N GLY B 64 -3.33 15.69 5.81
CA GLY B 64 -3.36 15.11 7.17
C GLY B 64 -2.29 14.09 7.48
N VAL B 65 -1.16 14.13 6.77
CA VAL B 65 -0.01 13.19 6.95
C VAL B 65 1.08 13.83 7.82
N MET B 66 1.46 15.08 7.55
CA MET B 66 2.57 15.74 8.29
C MET B 66 2.07 16.41 9.58
N ASN B 67 1.50 15.63 10.50
CA ASN B 67 0.98 16.14 11.78
C ASN B 67 2.14 16.68 12.63
N VAL B 68 3.28 16.01 12.58
CA VAL B 68 4.49 16.35 13.41
C VAL B 68 5.33 17.42 12.71
N GLY B 69 4.74 18.11 11.74
CA GLY B 69 5.45 19.16 11.00
C GLY B 69 5.83 18.68 9.61
N LEU B 70 6.07 19.63 8.72
CA LEU B 70 6.39 19.35 7.30
C LEU B 70 7.70 18.56 7.24
N ARG B 71 8.65 18.81 8.15
CA ARG B 71 9.89 18.02 7.98
C ARG B 71 10.62 17.90 9.32
N ASN B 72 10.09 17.09 10.27
CA ASN B 72 10.40 16.99 11.72
C ASN B 72 11.82 16.46 11.94
N PRO B 73 12.68 17.16 12.69
CA PRO B 73 14.06 16.71 12.96
C PRO B 73 14.20 15.40 13.78
N LYS B 74 13.34 15.21 14.79
CA LYS B 74 13.31 13.94 15.58
C LYS B 74 12.95 12.76 14.66
N VAL B 75 11.98 12.94 13.77
CA VAL B 75 11.58 11.88 12.81
C VAL B 75 12.75 11.64 11.85
N ILE B 76 13.35 12.70 11.29
CA ILE B 76 14.51 12.56 10.37
C ILE B 76 15.69 11.88 11.09
N GLU B 77 16.01 12.26 12.35
CA GLU B 77 17.11 11.66 13.15
C GLU B 77 16.91 10.13 13.25
N ALA B 78 15.70 9.69 13.64
CA ALA B 78 15.31 8.26 13.80
C ALA B 78 15.44 7.52 12.46
N ILE B 79 15.02 8.13 11.34
CA ILE B 79 15.16 7.49 9.99
C ILE B 79 16.65 7.24 9.70
N LYS B 80 17.48 8.29 9.83
CA LYS B 80 18.96 8.24 9.56
C LYS B 80 19.60 7.15 10.43
N LYS B 81 19.32 7.16 11.73
CA LYS B 81 19.76 6.09 12.67
C LYS B 81 19.33 4.72 12.11
N GLN B 82 18.08 4.57 11.66
CA GLN B 82 17.59 3.25 11.14
C GLN B 82 18.30 2.88 9.84
N LEU B 83 18.61 3.84 8.95
CA LEU B 83 19.31 3.56 7.66
C LEU B 83 20.72 2.98 7.89
N ASP B 84 21.31 3.31 9.05
CA ASP B 84 22.64 2.79 9.47
C ASP B 84 22.52 1.29 9.76
N LEU B 85 21.40 0.84 10.32
CA LEU B 85 21.25 -0.59 10.71
C LEU B 85 20.64 -1.45 9.59
N VAL B 86 19.38 -1.18 9.23
CA VAL B 86 18.70 -1.99 8.16
C VAL B 86 17.49 -1.21 7.64
N LEU B 87 16.98 -1.56 6.46
CA LEU B 87 15.78 -0.87 5.90
C LEU B 87 14.62 -1.86 5.83
N HIS B 88 14.80 -2.96 5.08
CA HIS B 88 13.76 -4.00 4.91
C HIS B 88 14.30 -5.34 5.42
N ALA B 89 13.53 -6.01 6.28
CA ALA B 89 13.96 -7.29 6.90
C ALA B 89 12.92 -8.40 6.60
N ALA B 90 12.00 -8.19 5.63
CA ALA B 90 10.89 -9.11 5.34
C ALA B 90 10.14 -9.48 6.63
N GLY B 91 9.39 -8.51 7.19
CA GLY B 91 8.69 -8.58 8.48
C GLY B 91 7.63 -9.69 8.57
N THR B 92 7.18 -10.27 7.45
CA THR B 92 6.08 -11.29 7.41
C THR B 92 6.61 -12.71 7.15
N ASP B 93 7.87 -12.88 6.74
CA ASP B 93 8.55 -14.22 6.65
C ASP B 93 9.51 -14.36 7.86
N TYR B 94 10.46 -13.43 7.96
CA TYR B 94 11.46 -13.26 9.07
C TYR B 94 10.90 -12.29 10.12
N TYR B 95 11.55 -12.21 11.30
CA TYR B 95 11.17 -11.33 12.42
C TYR B 95 12.19 -10.19 12.55
N ASN B 96 11.80 -9.13 13.26
CA ASN B 96 12.73 -8.04 13.65
C ASN B 96 12.12 -7.27 14.80
N PRO B 97 12.98 -6.67 15.67
CA PRO B 97 12.53 -6.02 16.89
C PRO B 97 11.84 -4.65 16.69
N TYR B 98 12.18 -3.95 15.60
CA TYR B 98 11.67 -2.60 15.20
C TYR B 98 10.14 -2.63 14.99
N GLN B 99 9.63 -3.50 14.10
CA GLN B 99 8.16 -3.63 13.84
C GLN B 99 7.47 -4.02 15.15
N VAL B 100 8.09 -4.88 15.96
CA VAL B 100 7.50 -5.38 17.23
C VAL B 100 7.40 -4.20 18.22
N GLU B 101 8.43 -3.36 18.31
CA GLU B 101 8.43 -2.16 19.18
C GLU B 101 7.25 -1.27 18.78
N LEU B 102 7.04 -1.07 17.48
CA LEU B 102 5.91 -0.19 17.04
C LEU B 102 4.58 -0.86 17.37
N ALA B 103 4.45 -2.15 17.11
CA ALA B 103 3.19 -2.88 17.36
C ALA B 103 2.85 -2.74 18.83
N LYS B 104 3.82 -2.97 19.72
CA LYS B 104 3.62 -2.87 21.18
C LYS B 104 3.09 -1.47 21.51
N LYS B 105 3.70 -0.44 20.96
CA LYS B 105 3.32 0.97 21.27
C LYS B 105 1.89 1.20 20.77
N LEU B 106 1.56 0.75 19.55
CA LEU B 106 0.20 0.99 19.00
C LEU B 106 -0.81 0.28 19.86
N VAL B 107 -0.50 -0.93 20.32
CA VAL B 107 -1.44 -1.67 21.19
C VAL B 107 -1.74 -0.83 22.45
N GLU B 108 -0.71 -0.21 23.01
CA GLU B 108 -0.77 0.54 24.30
C GLU B 108 -1.59 1.83 24.14
N ILE B 109 -1.45 2.52 23.01
CA ILE B 109 -2.12 3.84 22.75
C ILE B 109 -3.48 3.63 22.07
N ALA B 110 -3.92 2.39 21.79
CA ALA B 110 -5.22 2.08 21.18
C ALA B 110 -6.31 2.60 22.09
N PRO B 111 -7.49 3.01 21.59
CA PRO B 111 -8.57 3.44 22.47
C PRO B 111 -9.07 2.29 23.34
N GLY B 112 -9.40 2.65 24.59
CA GLY B 112 -9.89 1.71 25.62
C GLY B 112 -8.79 0.84 26.20
N ASP B 113 -9.14 -0.16 26.98
CA ASP B 113 -8.13 -0.91 27.77
C ASP B 113 -8.25 -2.40 27.44
N ILE B 114 -8.83 -2.79 26.29
CA ILE B 114 -8.94 -4.22 25.90
C ILE B 114 -7.64 -4.65 25.24
N GLU B 115 -7.36 -5.95 25.26
CA GLU B 115 -6.20 -6.56 24.59
C GLU B 115 -6.32 -6.34 23.06
N ARG B 116 -5.21 -6.04 22.42
CA ARG B 116 -5.18 -5.76 20.96
C ARG B 116 -4.02 -6.50 20.33
N LYS B 117 -4.10 -6.70 19.02
CA LYS B 117 -2.97 -7.02 18.14
C LYS B 117 -2.96 -6.05 16.98
N VAL B 118 -1.89 -6.07 16.22
CA VAL B 118 -1.70 -5.12 15.09
C VAL B 118 -1.23 -5.86 13.85
N PHE B 119 -1.78 -5.46 12.72
CA PHE B 119 -1.30 -5.83 11.38
C PHE B 119 -0.73 -4.56 10.77
N LEU B 120 0.53 -4.57 10.39
CA LEU B 120 1.17 -3.42 9.73
C LEU B 120 1.16 -3.62 8.21
N SER B 121 0.89 -2.52 7.49
CA SER B 121 0.76 -2.45 6.03
C SER B 121 1.43 -1.15 5.54
N ASN B 122 1.14 -0.68 4.33
CA ASN B 122 1.89 0.42 3.67
C ASN B 122 1.01 1.64 3.47
N SER B 123 -0.29 1.59 3.80
CA SER B 123 -1.19 2.70 3.41
C SER B 123 -2.49 2.59 4.18
N GLY B 124 -3.31 3.62 4.08
CA GLY B 124 -4.67 3.60 4.65
C GLY B 124 -5.59 2.60 3.95
N THR B 125 -5.54 2.52 2.62
CA THR B 125 -6.39 1.55 1.86
C THR B 125 -5.98 0.12 2.25
N GLU B 126 -4.70 -0.16 2.33
CA GLU B 126 -4.22 -1.47 2.84
C GLU B 126 -4.72 -1.69 4.27
N ALA B 127 -4.65 -0.70 5.15
CA ALA B 127 -5.04 -0.91 6.56
C ALA B 127 -6.54 -1.27 6.60
N ASN B 128 -7.34 -0.62 5.75
CA ASN B 128 -8.81 -0.85 5.67
C ASN B 128 -9.11 -2.18 4.96
N GLU B 129 -8.38 -2.56 3.93
CA GLU B 129 -8.53 -3.92 3.33
C GLU B 129 -8.22 -5.00 4.38
N ALA B 130 -7.20 -4.79 5.21
CA ALA B 130 -6.87 -5.74 6.30
C ALA B 130 -8.03 -5.80 7.30
N ALA B 131 -8.61 -4.66 7.66
CA ALA B 131 -9.81 -4.61 8.51
C ALA B 131 -10.95 -5.43 7.91
N LEU B 132 -11.23 -5.27 6.61
CA LEU B 132 -12.27 -6.10 5.95
C LEU B 132 -11.95 -7.58 6.19
N LYS B 133 -10.72 -7.97 6.01
CA LYS B 133 -10.34 -9.41 6.04
C LYS B 133 -10.43 -9.97 7.47
N ILE B 134 -9.94 -9.18 8.42
CA ILE B 134 -10.05 -9.50 9.86
C ILE B 134 -11.53 -9.66 10.20
N ALA B 135 -12.41 -8.72 9.82
CA ALA B 135 -13.84 -8.81 10.18
C ALA B 135 -14.49 -10.04 9.53
N LYS B 136 -14.19 -10.31 8.26
CA LYS B 136 -14.81 -11.50 7.57
C LYS B 136 -14.34 -12.80 8.24
N TRP B 137 -13.05 -12.94 8.51
CA TRP B 137 -12.48 -14.19 9.06
C TRP B 137 -13.10 -14.43 10.44
N SER B 138 -13.01 -13.43 11.31
CA SER B 138 -13.31 -13.58 12.75
C SER B 138 -14.80 -13.79 12.96
N THR B 139 -15.65 -13.12 12.18
CA THR B 139 -17.12 -13.24 12.36
C THR B 139 -17.69 -14.36 11.51
N ASN B 140 -17.00 -14.76 10.45
CA ASN B 140 -17.51 -15.62 9.35
C ASN B 140 -18.77 -14.98 8.74
N ARG B 141 -18.87 -13.66 8.71
CA ARG B 141 -19.97 -12.94 8.01
C ARG B 141 -19.32 -12.12 6.87
N LYS B 142 -20.08 -11.72 5.88
CA LYS B 142 -19.51 -11.19 4.63
C LYS B 142 -20.00 -9.79 4.31
N MET B 143 -21.02 -9.26 4.98
CA MET B 143 -21.60 -7.93 4.64
C MET B 143 -21.05 -6.84 5.55
N PHE B 144 -21.09 -5.60 5.03
CA PHE B 144 -20.65 -4.42 5.79
C PHE B 144 -21.65 -3.29 5.58
N ILE B 145 -21.82 -2.49 6.61
CA ILE B 145 -22.48 -1.17 6.50
C ILE B 145 -21.41 -0.08 6.46
N ALA B 146 -21.59 0.90 5.59
CA ALA B 146 -20.76 2.11 5.55
C ALA B 146 -21.71 3.31 5.35
N PHE B 147 -21.16 4.51 5.48
CA PHE B 147 -21.95 5.75 5.46
C PHE B 147 -21.74 6.51 4.14
N ILE B 148 -22.82 7.08 3.67
CA ILE B 148 -22.80 8.01 2.52
C ILE B 148 -21.87 9.16 2.88
N GLY B 149 -20.96 9.54 1.97
CA GLY B 149 -19.95 10.58 2.21
C GLY B 149 -18.65 10.00 2.66
N ALA B 150 -18.61 8.69 2.96
CA ALA B 150 -17.40 8.06 3.52
C ALA B 150 -16.26 8.09 2.51
N PHE B 151 -15.03 8.11 3.01
CA PHE B 151 -13.86 7.76 2.18
C PHE B 151 -12.97 6.79 2.96
N HIS B 152 -12.68 5.64 2.35
CA HIS B 152 -11.92 4.54 3.02
C HIS B 152 -10.81 4.01 2.10
N GLY B 153 -10.71 4.53 0.88
CA GLY B 153 -9.64 4.15 -0.06
C GLY B 153 -10.18 3.68 -1.39
N ARG B 154 -9.26 3.50 -2.35
CA ARG B 154 -9.62 3.26 -3.77
C ARG B 154 -9.32 1.84 -4.26
N THR B 155 -9.02 0.90 -3.37
CA THR B 155 -8.78 -0.50 -3.78
C THR B 155 -10.13 -1.21 -3.98
N HIS B 156 -10.14 -2.42 -4.55
CA HIS B 156 -11.42 -3.10 -4.86
C HIS B 156 -12.26 -3.32 -3.60
N GLY B 157 -11.65 -3.61 -2.45
CA GLY B 157 -12.48 -3.77 -1.24
C GLY B 157 -12.91 -2.41 -0.70
N THR B 158 -12.02 -1.45 -0.61
CA THR B 158 -12.35 -0.14 0.02
C THR B 158 -13.19 0.73 -0.93
N MET B 159 -13.10 0.56 -2.25
CA MET B 159 -13.95 1.31 -3.20
C MET B 159 -15.42 0.99 -2.87
N SER B 160 -15.75 -0.24 -2.45
CA SER B 160 -17.15 -0.61 -2.05
C SER B 160 -17.56 0.17 -0.78
N LEU B 161 -16.65 0.37 0.16
CA LEU B 161 -16.91 1.12 1.42
C LEU B 161 -17.07 2.63 1.14
N THR B 162 -16.20 3.19 0.32
CA THR B 162 -16.17 4.62 -0.04
C THR B 162 -17.49 4.98 -0.72
N ALA B 163 -18.02 6.14 -0.35
CA ALA B 163 -19.24 6.71 -0.96
C ALA B 163 -19.10 8.24 -1.03
N SER B 164 -17.91 8.73 -1.41
CA SER B 164 -17.68 10.20 -1.41
C SER B 164 -18.09 10.86 -2.74
N LYS B 165 -17.46 10.46 -3.85
CA LYS B 165 -17.78 11.04 -5.19
C LYS B 165 -17.99 9.88 -6.16
N PRO B 166 -19.02 9.88 -7.03
CA PRO B 166 -19.24 8.75 -7.92
C PRO B 166 -18.10 8.52 -8.93
N VAL B 167 -17.35 9.55 -9.31
CA VAL B 167 -16.24 9.38 -10.29
C VAL B 167 -15.22 8.38 -9.72
N GLN B 168 -15.17 8.17 -8.40
CA GLN B 168 -14.20 7.25 -7.72
C GLN B 168 -14.48 5.78 -8.12
N ARG B 169 -15.69 5.50 -8.56
CA ARG B 169 -16.22 4.16 -8.90
C ARG B 169 -16.41 4.03 -10.40
N SER B 170 -16.12 5.07 -11.16
CA SER B 170 -16.54 5.05 -12.58
C SER B 170 -15.96 3.82 -13.31
N ARG B 171 -16.83 2.97 -13.88
CA ARG B 171 -16.51 1.75 -14.67
C ARG B 171 -15.82 0.68 -13.83
N MET B 172 -15.83 0.81 -12.52
CA MET B 172 -15.14 -0.15 -11.63
C MET B 172 -16.08 -1.27 -11.18
N PHE B 173 -17.38 -1.10 -11.24
CA PHE B 173 -18.33 -2.18 -10.86
C PHE B 173 -18.03 -3.41 -11.71
N PRO B 174 -18.00 -4.64 -11.10
CA PRO B 174 -18.20 -4.85 -9.66
C PRO B 174 -16.91 -4.80 -8.83
N THR B 175 -17.01 -4.17 -7.67
CA THR B 175 -16.00 -4.15 -6.61
C THR B 175 -16.45 -5.24 -5.63
N MET B 176 -15.96 -5.24 -4.42
CA MET B 176 -16.32 -6.27 -3.44
C MET B 176 -17.81 -6.14 -3.12
N PRO B 177 -18.62 -7.18 -3.40
CA PRO B 177 -20.03 -7.20 -3.05
C PRO B 177 -20.21 -7.17 -1.52
N GLY B 178 -21.40 -6.79 -1.10
CA GLY B 178 -21.79 -6.92 0.32
C GLY B 178 -21.88 -5.64 1.11
N VAL B 179 -21.60 -4.47 0.53
CA VAL B 179 -21.63 -3.20 1.31
C VAL B 179 -22.96 -2.50 1.05
N VAL B 180 -23.66 -2.16 2.12
CA VAL B 180 -24.85 -1.26 2.07
C VAL B 180 -24.47 0.06 2.74
N HIS B 181 -24.96 1.17 2.19
CA HIS B 181 -24.67 2.54 2.67
C HIS B 181 -25.94 3.16 3.24
N VAL B 182 -25.75 3.93 4.30
CA VAL B 182 -26.86 4.68 4.92
C VAL B 182 -26.37 6.11 5.15
N PRO B 183 -27.28 7.08 5.33
CA PRO B 183 -26.86 8.45 5.57
C PRO B 183 -26.01 8.62 6.83
N TYR B 184 -24.96 9.42 6.72
CA TYR B 184 -24.14 9.86 7.86
C TYR B 184 -24.97 10.86 8.65
N PRO B 185 -24.81 10.88 9.99
CA PRO B 185 -25.45 11.92 10.81
C PRO B 185 -24.72 13.27 10.65
N ASN B 186 -24.83 13.83 9.45
CA ASN B 186 -24.22 15.11 9.06
C ASN B 186 -25.18 16.19 9.58
N PRO B 187 -24.79 16.98 10.59
CA PRO B 187 -25.74 17.90 11.22
C PRO B 187 -26.11 19.11 10.34
N TYR B 188 -25.31 19.36 9.30
CA TYR B 188 -25.59 20.48 8.36
C TYR B 188 -26.39 19.99 7.14
N ARG B 189 -26.04 18.80 6.63
CA ARG B 189 -26.74 18.25 5.44
C ARG B 189 -27.16 16.80 5.70
N ASN B 190 -28.46 16.55 5.69
CA ASN B 190 -28.98 15.17 5.91
C ASN B 190 -30.34 15.04 5.22
N PRO B 191 -30.77 13.81 4.84
CA PRO B 191 -32.05 13.63 4.17
C PRO B 191 -33.30 14.11 4.93
N TRP B 192 -33.24 14.30 6.24
CA TRP B 192 -34.42 14.65 7.07
C TRP B 192 -34.56 16.16 7.23
N GLY B 193 -33.55 16.92 6.81
CA GLY B 193 -33.51 18.38 7.01
C GLY B 193 -33.27 18.74 8.44
N ILE B 194 -32.64 17.87 9.26
CA ILE B 194 -32.54 18.12 10.71
C ILE B 194 -31.33 18.99 10.99
N ASP B 195 -31.51 20.01 11.82
CA ASP B 195 -30.39 20.75 12.43
C ASP B 195 -29.80 19.87 13.54
N GLY B 196 -28.68 19.20 13.25
CA GLY B 196 -28.06 18.19 14.12
C GLY B 196 -27.21 18.83 15.17
N TYR B 197 -27.01 20.15 15.05
CA TYR B 197 -26.35 20.96 16.10
C TYR B 197 -27.38 21.28 17.21
N GLU B 198 -28.53 21.82 16.81
CA GLU B 198 -29.67 22.14 17.71
C GLU B 198 -30.39 20.87 18.21
N ASN B 199 -30.56 19.88 17.33
CA ASN B 199 -31.33 18.65 17.70
C ASN B 199 -30.51 17.41 17.34
N PRO B 200 -29.39 17.15 18.04
CA PRO B 200 -28.55 16.00 17.73
C PRO B 200 -29.24 14.65 17.94
N ASP B 201 -30.10 14.54 18.97
CA ASP B 201 -30.67 13.21 19.31
C ASP B 201 -31.66 12.82 18.20
N GLU B 202 -32.39 13.79 17.67
CA GLU B 202 -33.34 13.53 16.56
C GLU B 202 -32.59 12.95 15.33
N LEU B 203 -31.41 13.49 15.05
CA LEU B 203 -30.62 13.08 13.85
C LEU B 203 -30.03 11.69 14.11
N ILE B 204 -29.41 11.51 15.28
CA ILE B 204 -28.91 10.18 15.74
C ILE B 204 -30.02 9.17 15.52
N ASN B 205 -31.21 9.49 16.01
CA ASN B 205 -32.33 8.53 16.05
C ASN B 205 -32.75 8.21 14.61
N ARG B 206 -32.75 9.20 13.70
CA ARG B 206 -33.14 8.95 12.29
C ARG B 206 -32.14 7.99 11.63
N VAL B 207 -30.85 8.15 11.90
CA VAL B 207 -29.83 7.30 11.25
C VAL B 207 -29.94 5.90 11.82
N ILE B 208 -30.15 5.80 13.13
CA ILE B 208 -30.18 4.47 13.81
C ILE B 208 -31.42 3.76 13.28
N ASP B 209 -32.53 4.47 13.23
CA ASP B 209 -33.82 3.89 12.79
C ASP B 209 -33.75 3.54 11.29
N TYR B 210 -32.98 4.29 10.50
CA TYR B 210 -32.80 3.98 9.06
C TYR B 210 -32.15 2.58 8.96
N ILE B 211 -31.09 2.35 9.74
CA ILE B 211 -30.44 1.01 9.75
C ILE B 211 -31.45 -0.05 10.23
N GLU B 212 -32.08 0.13 11.40
CA GLU B 212 -32.91 -0.92 12.05
C GLU B 212 -34.15 -1.16 11.21
N GLU B 213 -34.99 -0.13 11.05
CA GLU B 213 -36.28 -0.25 10.30
C GLU B 213 -36.12 -0.44 8.79
N TYR B 214 -35.23 0.32 8.14
CA TYR B 214 -35.14 0.28 6.66
C TYR B 214 -34.21 -0.82 6.12
N LEU B 215 -33.12 -1.15 6.82
CA LEU B 215 -32.22 -2.20 6.27
C LEU B 215 -32.49 -3.55 6.95
N PHE B 216 -32.42 -3.58 8.28
CA PHE B 216 -32.55 -4.83 9.07
C PHE B 216 -33.95 -5.44 8.93
N GLU B 217 -35.00 -4.63 8.86
CA GLU B 217 -36.37 -5.18 8.87
C GLU B 217 -36.85 -5.37 7.43
N HIS B 218 -35.98 -5.12 6.44
CA HIS B 218 -36.43 -5.27 5.04
C HIS B 218 -35.50 -6.13 4.16
N TYR B 219 -34.24 -5.71 3.96
CA TYR B 219 -33.39 -6.47 3.01
C TYR B 219 -31.99 -6.80 3.52
N VAL B 220 -31.61 -6.37 4.72
CA VAL B 220 -30.24 -6.72 5.18
C VAL B 220 -30.31 -7.56 6.46
N PRO B 221 -30.08 -8.88 6.40
CA PRO B 221 -30.08 -9.71 7.61
C PRO B 221 -28.99 -9.26 8.58
N ALA B 222 -29.40 -8.75 9.74
CA ALA B 222 -28.46 -8.13 10.72
C ALA B 222 -27.37 -9.13 11.12
N GLU B 223 -27.72 -10.41 11.21
CA GLU B 223 -26.79 -11.52 11.60
C GLU B 223 -25.68 -11.74 10.56
N GLU B 224 -25.88 -11.33 9.31
CA GLU B 224 -24.87 -11.50 8.22
C GLU B 224 -23.94 -10.29 8.10
N VAL B 225 -24.09 -9.26 8.95
CA VAL B 225 -23.22 -8.07 8.86
C VAL B 225 -21.99 -8.27 9.73
N ALA B 226 -20.83 -8.35 9.09
CA ALA B 226 -19.55 -8.48 9.80
C ALA B 226 -19.23 -7.19 10.55
N GLY B 227 -19.50 -6.03 9.93
CA GLY B 227 -18.90 -4.78 10.47
C GLY B 227 -19.63 -3.55 10.01
N ILE B 228 -19.55 -2.49 10.83
CA ILE B 228 -19.91 -1.10 10.40
C ILE B 228 -18.63 -0.30 10.34
N PHE B 229 -18.31 0.23 9.17
CA PHE B 229 -17.14 1.10 8.94
C PHE B 229 -17.61 2.52 9.08
N PHE B 230 -16.83 3.33 9.76
CA PHE B 230 -17.12 4.78 9.92
C PHE B 230 -15.82 5.55 10.09
N GLU B 231 -15.88 6.78 9.57
CA GLU B 231 -14.96 7.82 10.02
C GLU B 231 -15.60 8.54 11.20
N PRO B 232 -14.83 8.85 12.24
CA PRO B 232 -15.36 9.56 13.40
C PRO B 232 -15.65 11.05 13.11
N ILE B 233 -14.95 11.61 12.12
CA ILE B 233 -15.29 12.86 11.37
C ILE B 233 -15.06 12.53 9.89
N GLN B 234 -16.03 12.72 9.02
CA GLN B 234 -15.80 12.43 7.57
C GLN B 234 -14.80 13.47 7.04
N GLY B 235 -13.72 13.01 6.41
CA GLY B 235 -12.65 13.87 5.89
C GLY B 235 -12.95 14.37 4.49
N GLU B 236 -12.67 13.53 3.51
CA GLU B 236 -12.89 13.85 2.07
C GLU B 236 -14.35 14.30 1.88
N GLY B 237 -15.27 13.83 2.71
CA GLY B 237 -16.68 14.22 2.62
C GLY B 237 -17.00 15.61 3.17
N GLY B 238 -16.08 16.34 3.80
CA GLY B 238 -16.32 17.76 4.14
C GLY B 238 -15.95 18.12 5.56
N TYR B 239 -15.16 17.31 6.26
CA TYR B 239 -14.78 17.55 7.68
C TYR B 239 -16.08 17.67 8.49
N VAL B 240 -16.90 16.63 8.40
CA VAL B 240 -18.28 16.58 8.97
C VAL B 240 -18.20 15.95 10.36
N VAL B 241 -18.49 16.73 11.41
CA VAL B 241 -18.43 16.28 12.83
C VAL B 241 -19.82 15.81 13.20
N PRO B 242 -19.99 14.51 13.54
CA PRO B 242 -21.31 14.01 13.88
C PRO B 242 -21.62 14.35 15.33
N PRO B 243 -22.88 14.19 15.74
CA PRO B 243 -23.30 14.48 17.12
C PRO B 243 -22.55 13.59 18.13
N LYS B 244 -22.24 14.15 19.31
CA LYS B 244 -21.30 13.55 20.30
C LYS B 244 -21.79 12.16 20.77
N ASN B 245 -23.09 11.89 20.75
CA ASN B 245 -23.67 10.62 21.30
C ASN B 245 -23.93 9.60 20.18
N PHE B 246 -23.58 9.91 18.94
CA PHE B 246 -23.98 9.04 17.81
C PHE B 246 -23.33 7.66 17.95
N PHE B 247 -22.05 7.59 18.23
CA PHE B 247 -21.30 6.31 18.19
C PHE B 247 -21.73 5.43 19.35
N LYS B 248 -22.11 6.05 20.47
CA LYS B 248 -22.65 5.27 21.61
C LYS B 248 -23.91 4.54 21.16
N GLU B 249 -24.81 5.22 20.45
CA GLU B 249 -26.07 4.60 19.97
C GLU B 249 -25.73 3.57 18.88
N LEU B 250 -24.73 3.87 18.04
CA LEU B 250 -24.33 2.92 16.96
C LEU B 250 -23.84 1.61 17.60
N LYS B 251 -23.08 1.74 18.68
CA LYS B 251 -22.49 0.58 19.37
C LYS B 251 -23.59 -0.25 20.03
N LYS B 252 -24.66 0.35 20.56
CA LYS B 252 -25.76 -0.42 21.13
C LYS B 252 -26.34 -1.28 20.02
N LEU B 253 -26.57 -0.68 18.84
CA LEU B 253 -27.18 -1.45 17.72
C LEU B 253 -26.20 -2.56 17.30
N ALA B 254 -24.92 -2.28 17.18
CA ALA B 254 -23.95 -3.28 16.71
C ALA B 254 -23.90 -4.45 17.72
N ASP B 255 -23.78 -4.15 19.00
CA ASP B 255 -23.63 -5.17 20.08
C ASP B 255 -24.85 -6.09 20.06
N LYS B 256 -26.03 -5.54 19.83
CA LYS B 256 -27.30 -6.31 19.78
C LYS B 256 -27.19 -7.42 18.72
N HIS B 257 -26.42 -7.20 17.65
CA HIS B 257 -26.42 -8.10 16.47
C HIS B 257 -25.07 -8.78 16.26
N GLY B 258 -24.12 -8.59 17.18
CA GLY B 258 -22.76 -9.16 17.07
C GLY B 258 -21.95 -8.55 15.93
N ILE B 259 -22.23 -7.29 15.56
CA ILE B 259 -21.53 -6.56 14.47
C ILE B 259 -20.31 -5.80 15.04
N LEU B 260 -19.17 -5.87 14.35
CA LEU B 260 -17.97 -5.16 14.80
C LEU B 260 -18.07 -3.69 14.43
N LEU B 261 -17.44 -2.83 15.22
CA LEU B 261 -17.23 -1.39 14.89
C LEU B 261 -15.80 -1.18 14.43
N ILE B 262 -15.70 -0.65 13.20
CA ILE B 262 -14.41 -0.40 12.50
C ILE B 262 -14.28 1.09 12.32
N ASP B 263 -13.36 1.64 13.09
CA ASP B 263 -13.11 3.09 13.20
C ASP B 263 -11.96 3.42 12.27
N ASP B 264 -12.23 4.11 11.16
CA ASP B 264 -11.20 4.59 10.21
C ASP B 264 -10.63 5.92 10.70
N GLU B 265 -9.42 5.89 11.25
CA GLU B 265 -8.71 7.09 11.79
C GLU B 265 -7.60 7.47 10.82
N VAL B 266 -7.65 7.04 9.57
CA VAL B 266 -6.53 7.33 8.62
C VAL B 266 -6.29 8.85 8.57
N GLN B 267 -7.33 9.68 8.61
CA GLN B 267 -7.19 11.17 8.50
C GLN B 267 -7.33 11.88 9.86
N MET B 268 -8.18 11.41 10.75
CA MET B 268 -8.53 12.11 12.01
C MET B 268 -7.68 11.63 13.19
N GLY B 269 -6.80 10.62 13.01
CA GLY B 269 -5.99 10.08 14.11
C GLY B 269 -4.66 10.82 14.30
N MET B 270 -3.78 10.19 15.08
CA MET B 270 -2.43 10.67 15.36
C MET B 270 -2.54 12.16 15.79
N GLY B 271 -3.46 12.46 16.69
CA GLY B 271 -3.42 13.70 17.49
C GLY B 271 -4.18 14.87 16.87
N ARG B 272 -4.63 14.73 15.63
CA ARG B 272 -5.26 15.81 14.84
C ARG B 272 -6.33 16.53 15.64
N THR B 273 -7.20 15.80 16.34
CA THR B 273 -8.39 16.38 16.99
C THR B 273 -8.09 16.68 18.47
N GLY B 274 -6.82 16.69 18.87
CA GLY B 274 -6.44 17.02 20.26
C GLY B 274 -6.66 15.85 21.20
N ARG B 275 -6.93 14.65 20.66
CA ARG B 275 -6.78 13.32 21.34
C ARG B 275 -5.94 12.44 20.43
N MET B 276 -5.34 11.36 20.93
CA MET B 276 -4.57 10.50 20.01
C MET B 276 -5.54 10.00 18.91
N TRP B 277 -6.75 9.60 19.26
CA TRP B 277 -7.79 9.10 18.31
C TRP B 277 -8.99 10.00 18.36
N ALA B 278 -9.53 10.38 17.20
CA ALA B 278 -10.75 11.21 17.15
C ALA B 278 -11.91 10.48 17.83
N ILE B 279 -11.95 9.15 17.81
CA ILE B 279 -13.13 8.46 18.41
C ILE B 279 -13.14 8.75 19.92
N GLU B 280 -12.00 9.08 20.52
CA GLU B 280 -11.92 9.36 21.99
C GLU B 280 -12.87 10.51 22.40
N HIS B 281 -13.23 11.40 21.47
CA HIS B 281 -14.22 12.47 21.73
C HIS B 281 -15.60 11.86 21.87
N PHE B 282 -15.84 10.62 21.46
CA PHE B 282 -17.21 10.08 21.36
C PHE B 282 -17.41 8.89 22.30
N ASP B 283 -16.42 8.56 23.11
CA ASP B 283 -16.57 7.71 24.32
C ASP B 283 -17.04 6.30 23.88
N ILE B 284 -16.48 5.74 22.79
CA ILE B 284 -16.65 4.27 22.51
C ILE B 284 -15.29 3.64 22.24
N VAL B 285 -15.26 2.31 22.32
CA VAL B 285 -14.00 1.55 22.11
C VAL B 285 -14.27 0.71 20.88
N PRO B 286 -13.75 1.10 19.70
CA PRO B 286 -14.07 0.34 18.49
C PRO B 286 -13.31 -1.00 18.52
N ASP B 287 -13.87 -1.99 17.84
CA ASP B 287 -13.24 -3.33 17.73
C ASP B 287 -11.97 -3.27 16.91
N ILE B 288 -12.00 -2.46 15.85
CA ILE B 288 -10.87 -2.30 14.91
C ILE B 288 -10.65 -0.80 14.67
N VAL B 289 -9.40 -0.40 14.65
CA VAL B 289 -8.96 0.98 14.35
C VAL B 289 -7.94 0.90 13.23
N THR B 290 -8.14 1.68 12.17
CA THR B 290 -7.17 1.80 11.08
C THR B 290 -6.53 3.19 11.14
N VAL B 291 -5.23 3.18 10.88
CA VAL B 291 -4.37 4.39 10.86
C VAL B 291 -3.37 4.23 9.72
N ALA B 292 -2.89 5.37 9.24
CA ALA B 292 -1.92 5.53 8.13
C ALA B 292 -1.54 7.02 8.07
N LYS B 293 -1.03 7.47 6.93
CA LYS B 293 -0.70 8.91 6.76
C LYS B 293 0.29 9.37 7.83
N ALA B 294 -0.22 10.14 8.80
CA ALA B 294 0.59 10.81 9.84
C ALA B 294 1.40 9.80 10.67
N LEU B 295 0.97 8.55 10.78
CA LEU B 295 1.69 7.58 11.64
C LEU B 295 3.18 7.57 11.28
N GLY B 296 3.53 7.66 9.99
CA GLY B 296 4.92 7.52 9.51
C GLY B 296 5.66 8.84 9.38
N GLY B 297 5.02 9.97 9.73
CA GLY B 297 5.60 11.32 9.67
C GLY B 297 6.26 11.60 8.34
N GLY B 298 5.75 10.99 7.27
CA GLY B 298 6.25 11.20 5.89
C GLY B 298 6.71 9.92 5.23
N ILE B 299 6.87 8.82 5.96
CA ILE B 299 7.19 7.47 5.38
C ILE B 299 5.89 6.67 5.27
N PRO B 300 5.62 5.97 4.13
CA PRO B 300 4.35 5.29 3.98
C PRO B 300 4.29 4.19 5.03
N ILE B 301 3.19 4.16 5.74
CA ILE B 301 2.88 3.07 6.70
C ILE B 301 1.37 3.01 6.90
N GLY B 302 0.86 1.84 7.22
CA GLY B 302 -0.50 1.69 7.76
C GLY B 302 -0.53 0.67 8.89
N ALA B 303 -1.55 0.73 9.70
CA ALA B 303 -1.72 -0.18 10.84
C ALA B 303 -3.20 -0.47 11.01
N THR B 304 -3.51 -1.70 11.39
CA THR B 304 -4.88 -2.16 11.67
C THR B 304 -4.81 -2.74 13.09
N ILE B 305 -5.40 -2.06 14.06
CA ILE B 305 -5.33 -2.38 15.50
C ILE B 305 -6.63 -3.04 15.88
N PHE B 306 -6.60 -4.28 16.35
CA PHE B 306 -7.91 -4.95 16.57
C PHE B 306 -7.94 -5.72 17.89
N ARG B 307 -9.17 -6.04 18.33
CA ARG B 307 -9.37 -6.86 19.55
C ARG B 307 -8.57 -8.14 19.30
N ALA B 308 -7.77 -8.56 20.28
CA ALA B 308 -6.85 -9.70 20.07
C ALA B 308 -7.61 -10.96 19.66
N ASP B 309 -8.84 -11.15 20.15
CA ASP B 309 -9.57 -12.41 19.83
C ASP B 309 -10.09 -12.44 18.37
N LEU B 310 -9.89 -11.38 17.59
CA LEU B 310 -10.27 -11.36 16.15
C LEU B 310 -9.13 -11.86 15.26
N ASP B 311 -7.97 -12.18 15.83
CA ASP B 311 -6.80 -12.70 15.08
C ASP B 311 -7.20 -13.80 14.07
N PHE B 312 -6.52 -13.87 12.92
CA PHE B 312 -6.61 -15.02 11.97
C PHE B 312 -6.16 -16.28 12.75
N GLY B 313 -7.02 -17.29 12.87
CA GLY B 313 -6.72 -18.53 13.63
C GLY B 313 -5.66 -19.40 12.94
N VAL B 314 -5.37 -19.16 11.65
CA VAL B 314 -4.38 -19.94 10.83
C VAL B 314 -3.45 -18.96 10.09
N SER B 315 -2.21 -19.41 9.82
CA SER B 315 -1.19 -18.69 8.99
C SER B 315 -1.63 -18.65 7.51
N GLY B 316 -1.31 -17.55 6.81
CA GLY B 316 -1.38 -17.45 5.34
C GLY B 316 -2.66 -16.81 4.83
N VAL B 317 -3.54 -16.33 5.73
CA VAL B 317 -4.84 -15.68 5.35
C VAL B 317 -4.53 -14.23 4.91
N HIS B 318 -3.69 -13.55 5.68
CA HIS B 318 -3.28 -12.18 5.28
C HIS B 318 -1.77 -11.99 5.50
N SER B 319 -1.14 -11.28 4.56
CA SER B 319 0.32 -10.99 4.60
C SER B 319 0.64 -9.84 3.64
N ASN B 320 1.88 -9.35 3.70
CA ASN B 320 2.37 -8.28 2.79
C ASN B 320 3.90 -8.35 2.74
N THR B 321 4.52 -7.68 1.75
CA THR B 321 6.00 -7.71 1.64
C THR B 321 6.63 -6.68 2.58
N PHE B 322 6.25 -5.41 2.41
CA PHE B 322 6.87 -4.20 3.04
C PHE B 322 6.36 -3.97 4.48
N GLY B 323 5.30 -4.67 4.91
CA GLY B 323 4.73 -4.57 6.26
C GLY B 323 5.77 -4.81 7.35
N GLY B 324 5.78 -3.94 8.36
CA GLY B 324 6.81 -3.88 9.43
C GLY B 324 8.13 -3.33 8.91
N ASN B 325 8.10 -2.57 7.79
CA ASN B 325 9.26 -1.83 7.21
C ASN B 325 9.97 -1.14 8.38
N THR B 326 11.28 -1.35 8.57
CA THR B 326 11.96 -0.90 9.81
C THR B 326 12.12 0.62 9.78
N VAL B 327 12.35 1.21 8.61
CA VAL B 327 12.50 2.69 8.46
C VAL B 327 11.16 3.36 8.84
N ALA B 328 10.01 2.87 8.34
CA ALA B 328 8.67 3.41 8.70
C ALA B 328 8.43 3.28 10.22
N ALA B 329 8.80 2.14 10.81
CA ALA B 329 8.57 1.85 12.24
C ALA B 329 9.33 2.85 13.12
N ALA B 330 10.57 3.13 12.75
CA ALA B 330 11.49 4.04 13.48
C ALA B 330 10.86 5.42 13.42
N ALA B 331 10.33 5.78 12.25
CA ALA B 331 9.70 7.10 12.03
C ALA B 331 8.45 7.21 12.91
N ALA B 332 7.67 6.13 12.98
CA ALA B 332 6.37 6.08 13.65
C ALA B 332 6.56 6.20 15.16
N LEU B 333 7.57 5.52 15.70
CA LEU B 333 7.83 5.60 17.16
C LEU B 333 8.21 7.06 17.50
N ALA B 334 9.01 7.71 16.66
CA ALA B 334 9.43 9.12 16.84
C ALA B 334 8.18 10.01 16.83
N VAL B 335 7.34 9.83 15.80
CA VAL B 335 6.06 10.56 15.64
C VAL B 335 5.28 10.42 16.94
N ILE B 336 5.09 9.20 17.44
CA ILE B 336 4.21 8.98 18.61
C ILE B 336 4.79 9.69 19.86
N GLU B 337 6.11 9.68 20.01
CA GLU B 337 6.82 10.38 21.13
C GLU B 337 6.53 11.90 21.04
N GLU B 338 6.78 12.52 19.87
CA GLU B 338 6.52 13.95 19.61
C GLU B 338 5.05 14.24 19.95
N LEU B 339 4.13 13.36 19.53
CA LEU B 339 2.69 13.59 19.74
C LEU B 339 2.40 13.64 21.22
N GLN B 340 2.84 12.60 21.94
CA GLN B 340 2.60 12.45 23.40
C GLN B 340 3.35 13.52 24.20
N ASN B 341 4.44 14.06 23.65
CA ASN B 341 5.30 15.00 24.40
C ASN B 341 5.03 16.49 24.08
N GLY B 342 3.85 16.84 23.55
CA GLY B 342 3.61 18.28 23.32
C GLY B 342 2.75 18.64 22.11
N LEU B 343 2.85 17.90 21.00
CA LEU B 343 2.08 18.30 19.78
C LEU B 343 0.58 18.14 20.03
N ILE B 344 0.13 17.08 20.71
CA ILE B 344 -1.33 16.93 20.97
C ILE B 344 -1.82 18.05 21.91
N GLU B 345 -0.98 18.43 22.87
CA GLU B 345 -1.30 19.55 23.80
C GLU B 345 -1.44 20.82 22.95
N ASN B 346 -0.53 21.04 22.03
CA ASN B 346 -0.64 22.19 21.09
C ASN B 346 -2.01 22.19 20.38
N ALA B 347 -2.53 21.04 19.92
CA ALA B 347 -3.83 20.97 19.21
C ALA B 347 -4.92 21.44 20.15
N GLN B 348 -4.81 20.99 21.39
CA GLN B 348 -5.79 21.34 22.43
C GLN B 348 -5.78 22.87 22.64
N LYS B 349 -4.59 23.45 22.78
CA LYS B 349 -4.40 24.91 23.03
C LYS B 349 -4.98 25.76 21.90
N LEU B 350 -4.76 25.37 20.63
CA LEU B 350 -5.17 26.21 19.46
C LEU B 350 -6.62 25.95 19.09
N GLU B 351 -7.24 24.92 19.64
CA GLU B 351 -8.65 24.67 19.27
C GLU B 351 -9.51 25.92 19.46
N PRO B 352 -9.52 26.59 20.65
CA PRO B 352 -10.39 27.76 20.83
C PRO B 352 -10.12 28.92 19.86
N LEU B 353 -8.88 29.15 19.44
CA LEU B 353 -8.50 30.21 18.47
C LEU B 353 -9.18 29.93 17.12
N PHE B 354 -9.16 28.66 16.65
CA PHE B 354 -9.87 28.27 15.40
C PHE B 354 -11.37 28.45 15.58
N ARG B 355 -11.93 28.01 16.72
CA ARG B 355 -13.39 28.06 16.89
C ARG B 355 -13.78 29.54 16.84
N GLU B 356 -13.06 30.37 17.58
CA GLU B 356 -13.43 31.78 17.77
C GLU B 356 -13.35 32.49 16.41
N ARG B 357 -12.18 32.39 15.76
N ARG B 357 -12.18 32.41 15.75
CA ARG B 357 -11.93 33.06 14.44
CA ARG B 357 -11.94 33.06 14.44
C ARG B 357 -12.92 32.56 13.41
C ARG B 357 -12.95 32.56 13.42
N LEU B 358 -13.24 31.25 13.37
CA LEU B 358 -14.12 30.72 12.30
C LEU B 358 -15.56 31.14 12.59
N GLU B 359 -15.99 31.24 13.84
CA GLU B 359 -17.38 31.69 14.16
C GLU B 359 -17.54 33.20 13.82
N GLU B 360 -16.52 34.00 14.07
CA GLU B 360 -16.44 35.43 13.68
C GLU B 360 -16.62 35.51 12.15
N MET B 361 -15.84 34.71 11.41
CA MET B 361 -15.94 34.70 9.94
C MET B 361 -17.36 34.32 9.55
N LYS B 362 -17.95 33.30 10.19
CA LYS B 362 -19.33 32.90 9.82
C LYS B 362 -20.29 34.07 10.09
N GLU B 363 -20.04 34.85 11.14
CA GLU B 363 -20.96 35.98 11.48
C GLU B 363 -20.87 37.07 10.40
N LYS B 364 -19.66 37.31 9.89
CA LYS B 364 -19.35 38.42 8.95
C LYS B 364 -19.70 38.06 7.51
N TYR B 365 -19.39 36.85 7.03
CA TYR B 365 -19.47 36.46 5.59
C TYR B 365 -20.63 35.52 5.32
N GLU B 366 -21.65 36.02 4.63
CA GLU B 366 -22.88 35.28 4.34
C GLU B 366 -22.58 34.05 3.48
N ILE B 367 -21.47 34.05 2.73
CA ILE B 367 -21.14 32.93 1.81
C ILE B 367 -20.83 31.66 2.66
N ILE B 368 -20.39 31.83 3.91
CA ILE B 368 -20.11 30.71 4.84
C ILE B 368 -21.44 30.15 5.33
N GLY B 369 -21.74 28.89 5.03
CA GLY B 369 -22.94 28.24 5.58
C GLY B 369 -22.68 27.59 6.93
N ASP B 370 -21.48 27.07 7.18
CA ASP B 370 -21.21 26.21 8.37
C ASP B 370 -19.73 26.19 8.66
N VAL B 371 -19.39 26.21 9.94
CA VAL B 371 -18.01 25.93 10.40
C VAL B 371 -18.13 24.79 11.43
N ARG B 372 -17.17 23.88 11.45
CA ARG B 372 -17.23 22.72 12.36
C ARG B 372 -15.82 22.20 12.54
N GLY B 373 -15.55 21.59 13.68
CA GLY B 373 -14.19 21.10 13.93
C GLY B 373 -13.92 20.73 15.37
N LEU B 374 -12.74 20.17 15.61
CA LEU B 374 -12.23 19.64 16.89
C LEU B 374 -10.74 19.75 16.78
N GLY B 375 -10.05 20.15 17.85
CA GLY B 375 -8.59 20.23 17.80
C GLY B 375 -8.13 21.11 16.66
N LEU B 376 -7.26 20.60 15.79
CA LEU B 376 -6.76 21.27 14.57
C LEU B 376 -7.33 20.61 13.30
N ALA B 377 -8.57 20.17 13.39
CA ALA B 377 -9.39 19.68 12.25
C ALA B 377 -10.61 20.58 12.13
N TRP B 378 -10.60 21.43 11.10
CA TRP B 378 -11.68 22.40 10.84
C TRP B 378 -12.17 22.31 9.39
N GLY B 379 -13.48 22.35 9.24
CA GLY B 379 -14.17 22.44 7.95
C GLY B 379 -14.96 23.73 7.87
N VAL B 380 -14.92 24.39 6.72
CA VAL B 380 -15.78 25.56 6.45
C VAL B 380 -16.51 25.29 5.15
N GLU B 381 -17.83 25.31 5.18
CA GLU B 381 -18.63 24.99 3.99
C GLU B 381 -19.28 26.25 3.43
N PHE B 382 -19.10 26.47 2.14
CA PHE B 382 -19.53 27.69 1.40
C PHE B 382 -20.82 27.35 0.65
N VAL B 383 -21.82 28.23 0.74
CA VAL B 383 -23.11 28.03 0.05
C VAL B 383 -23.53 29.33 -0.64
N LYS B 384 -24.34 29.16 -1.68
CA LYS B 384 -24.86 30.27 -2.53
C LYS B 384 -25.94 31.02 -1.76
N ASP B 385 -26.59 30.36 -0.80
CA ASP B 385 -27.74 30.91 -0.06
C ASP B 385 -27.92 30.08 1.22
N ARG B 386 -28.02 30.72 2.37
CA ARG B 386 -28.03 29.99 3.67
C ARG B 386 -29.30 29.15 3.80
N LYS B 387 -30.40 29.47 3.11
CA LYS B 387 -31.69 28.72 3.18
C LYS B 387 -31.61 27.48 2.30
N THR B 388 -31.23 27.64 1.03
CA THR B 388 -31.18 26.52 0.06
C THR B 388 -29.97 25.65 0.39
N LYS B 389 -28.89 26.21 0.93
CA LYS B 389 -27.60 25.48 1.14
C LYS B 389 -27.08 24.91 -0.19
N GLU B 390 -27.48 25.52 -1.31
CA GLU B 390 -26.92 25.24 -2.64
C GLU B 390 -25.39 25.36 -2.52
N TYR B 391 -24.68 24.34 -3.02
CA TYR B 391 -23.20 24.30 -2.92
C TYR B 391 -22.56 25.44 -3.74
N ALA B 392 -21.64 26.18 -3.11
CA ALA B 392 -20.86 27.23 -3.80
C ALA B 392 -19.54 26.59 -4.27
N THR B 393 -19.60 25.62 -5.17
CA THR B 393 -18.39 24.88 -5.63
C THR B 393 -17.40 25.81 -6.34
N LYS B 394 -17.88 26.64 -7.27
CA LYS B 394 -16.97 27.57 -7.99
C LYS B 394 -16.30 28.51 -6.99
N GLU B 395 -17.10 29.14 -6.13
CA GLU B 395 -16.57 30.11 -5.13
C GLU B 395 -15.54 29.43 -4.26
N ARG B 396 -15.79 28.17 -3.85
CA ARG B 396 -14.87 27.43 -2.93
C ARG B 396 -13.50 27.30 -3.60
N GLY B 397 -13.49 26.90 -4.87
CA GLY B 397 -12.26 26.82 -5.68
C GLY B 397 -11.59 28.18 -5.82
N GLU B 398 -12.36 29.24 -6.04
CA GLU B 398 -11.77 30.60 -6.12
C GLU B 398 -11.12 30.92 -4.76
N ILE B 399 -11.72 30.53 -3.64
CA ILE B 399 -11.11 30.91 -2.33
C ILE B 399 -9.77 30.20 -2.17
N VAL B 400 -9.68 28.92 -2.53
CA VAL B 400 -8.40 28.14 -2.45
C VAL B 400 -7.33 28.86 -3.30
N VAL B 401 -7.70 29.29 -4.52
CA VAL B 401 -6.73 29.97 -5.44
C VAL B 401 -6.29 31.31 -4.84
N GLU B 402 -7.24 32.13 -4.33
CA GLU B 402 -6.91 33.45 -3.70
C GLU B 402 -6.05 33.23 -2.46
N ALA B 403 -6.29 32.18 -1.67
CA ALA B 403 -5.42 31.87 -0.49
C ALA B 403 -4.00 31.57 -0.98
N LEU B 404 -3.86 30.80 -2.05
CA LEU B 404 -2.54 30.33 -2.54
C LEU B 404 -1.73 31.54 -3.06
N LYS B 405 -2.36 32.40 -3.86
CA LYS B 405 -1.74 33.67 -4.33
C LYS B 405 -1.23 34.48 -3.14
N ARG B 406 -1.85 34.35 -1.96
CA ARG B 406 -1.46 35.12 -0.75
C ARG B 406 -0.62 34.28 0.22
N GLY B 407 -0.12 33.11 -0.20
CA GLY B 407 0.90 32.34 0.57
C GLY B 407 0.33 31.40 1.65
N LEU B 408 -0.89 30.88 1.44
CA LEU B 408 -1.57 29.85 2.28
C LEU B 408 -2.03 28.67 1.39
N ALA B 409 -1.55 27.47 1.71
CA ALA B 409 -1.92 26.20 1.04
C ALA B 409 -3.10 25.59 1.79
N LEU B 410 -4.26 25.54 1.15
CA LEU B 410 -5.54 24.97 1.64
C LEU B 410 -5.94 23.82 0.71
N LEU B 411 -6.76 22.89 1.20
CA LEU B 411 -7.40 21.87 0.35
C LEU B 411 -8.91 22.04 0.48
N GLY B 412 -9.59 21.87 -0.65
CA GLY B 412 -11.02 21.57 -0.68
C GLY B 412 -11.36 20.27 0.04
N CYS B 413 -12.62 20.12 0.40
CA CYS B 413 -13.21 18.85 0.88
C CYS B 413 -14.70 18.93 0.56
N GLY B 414 -15.35 17.77 0.38
CA GLY B 414 -16.73 17.68 -0.16
C GLY B 414 -16.90 18.50 -1.42
N LYS B 415 -18.14 18.93 -1.70
CA LYS B 415 -18.49 19.66 -2.95
C LYS B 415 -18.21 21.16 -2.81
N SER B 416 -18.28 21.75 -1.61
CA SER B 416 -18.11 23.22 -1.49
C SER B 416 -17.47 23.58 -0.15
N ALA B 417 -16.63 22.71 0.42
CA ALA B 417 -15.98 23.03 1.70
C ALA B 417 -14.47 23.18 1.55
N ILE B 418 -13.87 23.77 2.58
CA ILE B 418 -12.41 23.85 2.75
C ILE B 418 -12.07 23.26 4.12
N ARG B 419 -10.98 22.51 4.16
CA ARG B 419 -10.44 21.95 5.41
C ARG B 419 -9.26 22.83 5.83
N LEU B 420 -9.16 23.05 7.14
CA LEU B 420 -8.00 23.75 7.73
C LEU B 420 -7.32 22.70 8.62
N ILE B 421 -6.20 22.16 8.18
CA ILE B 421 -5.47 21.11 8.96
C ILE B 421 -4.00 21.46 9.01
N PRO B 422 -3.59 22.52 9.75
CA PRO B 422 -2.19 22.88 9.85
C PRO B 422 -1.42 21.86 10.70
N PRO B 423 -0.10 21.72 10.49
CA PRO B 423 0.73 20.86 11.33
C PRO B 423 0.53 21.22 12.81
N LEU B 424 0.64 20.20 13.68
CA LEU B 424 0.30 20.33 15.11
C LEU B 424 1.43 21.10 15.83
N ILE B 425 2.56 21.34 15.17
CA ILE B 425 3.66 22.19 15.68
C ILE B 425 3.38 23.68 15.39
N ILE B 426 2.24 24.03 14.80
CA ILE B 426 2.03 25.45 14.37
C ILE B 426 1.92 26.33 15.62
N SER B 427 2.55 27.51 15.58
CA SER B 427 2.47 28.52 16.68
C SER B 427 1.14 29.25 16.60
N GLU B 428 0.77 29.91 17.69
CA GLU B 428 -0.48 30.72 17.74
C GLU B 428 -0.35 31.84 16.70
N GLU B 429 0.85 32.43 16.61
CA GLU B 429 1.12 33.54 15.65
C GLU B 429 0.98 33.04 14.21
N GLU B 430 1.54 31.88 13.89
CA GLU B 430 1.48 31.30 12.52
C GLU B 430 0.02 31.00 12.17
N ALA B 431 -0.73 30.48 13.14
CA ALA B 431 -2.14 30.11 12.97
C ALA B 431 -2.97 31.36 12.66
N LYS B 432 -2.71 32.43 13.42
CA LYS B 432 -3.41 33.73 13.22
C LYS B 432 -3.10 34.28 11.83
N MET B 433 -1.86 34.17 11.39
CA MET B 433 -1.45 34.61 10.03
C MET B 433 -2.26 33.84 9.00
N GLY B 434 -2.44 32.54 9.22
CA GLY B 434 -3.19 31.69 8.29
C GLY B 434 -4.64 32.07 8.26
N LEU B 435 -5.26 32.18 9.43
CA LEU B 435 -6.70 32.48 9.49
C LEU B 435 -6.98 33.84 8.84
N ASP B 436 -6.06 34.80 9.00
CA ASP B 436 -6.16 36.16 8.41
C ASP B 436 -6.14 36.06 6.88
N ILE B 437 -5.24 35.24 6.32
CA ILE B 437 -5.16 35.08 4.85
C ILE B 437 -6.44 34.40 4.36
N PHE B 438 -6.86 33.37 5.07
CA PHE B 438 -8.10 32.64 4.74
C PHE B 438 -9.23 33.66 4.70
N GLU B 439 -9.36 34.49 5.73
CA GLU B 439 -10.46 35.49 5.76
C GLU B 439 -10.33 36.46 4.57
N GLU B 440 -9.13 36.95 4.27
CA GLU B 440 -8.90 37.87 3.11
C GLU B 440 -9.39 37.19 1.82
N ALA B 441 -9.12 35.87 1.68
CA ALA B 441 -9.54 35.12 0.47
C ALA B 441 -11.07 35.05 0.39
N ILE B 442 -11.74 34.81 1.52
CA ILE B 442 -13.21 34.78 1.58
C ILE B 442 -13.78 36.16 1.20
N LYS B 443 -13.23 37.21 1.78
CA LYS B 443 -13.63 38.64 1.51
C LYS B 443 -13.55 38.92 0.00
N VAL B 444 -12.39 38.62 -0.60
CA VAL B 444 -12.16 38.85 -2.05
C VAL B 444 -13.20 38.13 -2.87
N VAL B 445 -13.48 36.85 -2.58
CA VAL B 445 -14.41 36.09 -3.46
C VAL B 445 -15.82 36.56 -3.17
N SER B 446 -16.14 36.90 -1.91
CA SER B 446 -17.47 37.48 -1.57
C SER B 446 -17.72 38.76 -2.41
N GLU B 447 -16.77 39.70 -2.35
CA GLU B 447 -16.89 41.03 -3.04
C GLU B 447 -17.07 40.80 -4.55
N ARG B 448 -16.32 39.88 -5.12
CA ARG B 448 -16.35 39.59 -6.56
C ARG B 448 -17.78 39.20 -6.96
N HIS B 449 -18.46 38.38 -6.15
CA HIS B 449 -19.74 37.76 -6.54
C HIS B 449 -20.95 38.47 -5.91
N GLY B 450 -20.74 39.49 -5.09
CA GLY B 450 -21.81 40.24 -4.40
C GLY B 450 -22.38 39.52 -3.18
N TYR B 451 -21.62 38.64 -2.51
CA TYR B 451 -22.09 38.03 -1.24
C TYR B 451 -22.06 39.10 -0.14
N LYS B 452 -23.08 39.13 0.75
CA LYS B 452 -23.13 40.11 1.87
C LYS B 452 -21.94 39.93 2.78
N ILE B 453 -21.35 41.04 3.19
CA ILE B 453 -20.37 41.14 4.30
C ILE B 453 -20.97 41.99 5.40
N HIS B 454 -21.33 41.39 6.55
CA HIS B 454 -21.94 42.06 7.73
C HIS B 454 -20.86 42.77 8.53
#